data_9LI2
#
_entry.id   9LI2
#
loop_
_entity.id
_entity.type
_entity.pdbx_description
1 polymer 'Proton-activated chloride channel'
2 non-polymer '(3ALPHA,5BETA,12ALPHA)-3,12-DIHYDROXYCHOLAN-24-OIC ACID'
#
_entity_poly.entity_id   1
_entity_poly.type   'polypeptide(L)'
_entity_poly.pdbx_seq_one_letter_code
;MDYKDDDDKWSHPQFEKGGGGSGGSAWSHPQFEKEFKGLVDMIRQERSTSYQELSEELVQVVENSELADEQDKETVRVQG
PGILPGLDSESASSSIRFSKACLKNVFSVLLIFIYLLLMAVAVFLVYRTITDFREKLKHPVMSVSYKEVDRYDAPGIALY
PGQAQLLSCKHHYEVIPPLTSPGQPGDMNCTTQRINYTDPFSNQTVKSALIVQGPREVKKRELVFLQFRLNKSSEDFSAI
DYLLFSSFQEFLQSPNRVGFMQACESAYSSWKFSGGFRTWVKMSLVKTKEEDGREAVEFRQETSVVNYIDQRPAAKKSAQ
LFFVVFEWKDPFIQKVQDIVTANPWNTIALLCGAFLALFKAAEFAKLSIKWMIKIRKRYLKRRGQATSHIS
;
_entity_poly.pdbx_strand_id   A,B,C
#
loop_
_chem_comp.id
_chem_comp.type
_chem_comp.name
_chem_comp.formula
DXC non-polymer '(3ALPHA,5BETA,12ALPHA)-3,12-DIHYDROXYCHOLAN-24-OIC ACID' 'C24 H40 O4'
#
# COMPACT_ATOMS: atom_id res chain seq x y z
N VAL A 106 15.88 -43.99 -44.81
CA VAL A 106 14.77 -44.21 -45.72
C VAL A 106 13.62 -43.29 -45.33
N PHE A 107 12.66 -43.12 -46.24
CA PHE A 107 11.55 -42.19 -45.99
C PHE A 107 10.73 -42.63 -44.78
N SER A 108 10.47 -43.94 -44.65
CA SER A 108 9.66 -44.41 -43.54
C SER A 108 10.33 -44.12 -42.20
N VAL A 109 11.66 -44.32 -42.12
CA VAL A 109 12.38 -44.05 -40.88
C VAL A 109 12.32 -42.57 -40.55
N LEU A 110 12.48 -41.71 -41.56
CA LEU A 110 12.40 -40.27 -41.33
C LEU A 110 11.02 -39.87 -40.82
N LEU A 111 9.97 -40.43 -41.43
CA LEU A 111 8.61 -40.12 -40.98
C LEU A 111 8.39 -40.59 -39.55
N ILE A 112 8.89 -41.79 -39.21
CA ILE A 112 8.75 -42.30 -37.86
C ILE A 112 9.46 -41.39 -36.87
N PHE A 113 10.68 -40.95 -37.21
CA PHE A 113 11.41 -40.05 -36.33
C PHE A 113 10.68 -38.72 -36.16
N ILE A 114 10.10 -38.20 -37.24
CA ILE A 114 9.36 -36.95 -37.16
C ILE A 114 8.14 -37.10 -36.25
N TYR A 115 7.41 -38.22 -36.40
CA TYR A 115 6.26 -38.45 -35.55
C TYR A 115 6.67 -38.58 -34.08
N LEU A 116 7.78 -39.28 -33.83
CA LEU A 116 8.26 -39.41 -32.46
C LEU A 116 8.66 -38.05 -31.88
N LEU A 117 9.29 -37.20 -32.70
CA LEU A 117 9.64 -35.86 -32.24
C LEU A 117 8.39 -35.05 -31.92
N LEU A 118 7.36 -35.17 -32.76
CA LEU A 118 6.11 -34.46 -32.49
C LEU A 118 5.46 -34.96 -31.19
N MET A 119 5.52 -36.27 -30.96
CA MET A 119 4.99 -36.81 -29.71
C MET A 119 5.76 -36.29 -28.50
N ALA A 120 7.08 -36.22 -28.63
CA ALA A 120 7.89 -35.67 -27.54
C ALA A 120 7.54 -34.21 -27.29
N VAL A 121 7.34 -33.44 -28.36
CA VAL A 121 6.93 -32.04 -28.21
C VAL A 121 5.59 -31.96 -27.51
N ALA A 122 4.67 -32.86 -27.84
CA ALA A 122 3.37 -32.88 -27.18
C ALA A 122 3.51 -33.16 -25.69
N VAL A 123 4.35 -34.12 -25.33
CA VAL A 123 4.57 -34.43 -23.92
C VAL A 123 5.17 -33.24 -23.20
N PHE A 124 6.13 -32.58 -23.83
CA PHE A 124 6.74 -31.39 -23.22
C PHE A 124 5.70 -30.29 -23.02
N LEU A 125 4.83 -30.09 -24.01
CA LEU A 125 3.78 -29.09 -23.87
C LEU A 125 2.84 -29.45 -22.72
N VAL A 126 2.50 -30.73 -22.58
CA VAL A 126 1.65 -31.15 -21.48
C VAL A 126 2.32 -30.86 -20.15
N TYR A 127 3.61 -31.20 -20.03
CA TYR A 127 4.32 -30.96 -18.79
C TYR A 127 4.36 -29.47 -18.45
N ARG A 128 4.64 -28.63 -19.46
CA ARG A 128 4.69 -27.20 -19.22
C ARG A 128 3.33 -26.68 -18.78
N THR A 129 2.26 -27.13 -19.41
CA THR A 129 0.93 -26.68 -19.01
C THR A 129 0.60 -27.12 -17.59
N ILE A 130 0.96 -28.35 -17.22
CA ILE A 130 0.68 -28.82 -15.86
C ILE A 130 1.43 -27.97 -14.84
N THR A 131 2.72 -27.77 -15.05
CA THR A 131 3.50 -27.01 -14.08
C THR A 131 3.02 -25.56 -14.01
N ASP A 132 2.71 -24.95 -15.15
CA ASP A 132 2.23 -23.57 -15.14
C ASP A 132 0.87 -23.46 -14.46
N PHE A 133 0.00 -24.45 -14.67
CA PHE A 133 -1.29 -24.44 -13.99
C PHE A 133 -1.11 -24.55 -12.49
N ARG A 134 -0.22 -25.44 -12.03
CA ARG A 134 0.04 -25.54 -10.60
C ARG A 134 0.55 -24.21 -10.06
N GLU A 135 1.50 -23.60 -10.76
CA GLU A 135 2.06 -22.33 -10.30
C GLU A 135 0.98 -21.25 -10.22
N LYS A 136 0.19 -21.09 -11.28
CA LYS A 136 -0.84 -20.07 -11.29
C LYS A 136 -1.89 -20.33 -10.23
N LEU A 137 -2.19 -21.59 -9.95
CA LEU A 137 -3.12 -21.90 -8.86
C LEU A 137 -2.54 -21.48 -7.51
N LYS A 138 -1.24 -21.68 -7.32
CA LYS A 138 -0.63 -21.32 -6.04
C LYS A 138 -0.59 -19.80 -5.85
N HIS A 139 -0.39 -19.04 -6.92
CA HIS A 139 -0.17 -17.59 -6.85
C HIS A 139 -1.30 -16.87 -7.58
N PRO A 140 -2.42 -16.57 -6.90
CA PRO A 140 -3.42 -15.71 -7.51
C PRO A 140 -2.93 -14.27 -7.63
N VAL A 141 -3.43 -13.58 -8.65
CA VAL A 141 -3.09 -12.18 -8.87
C VAL A 141 -4.05 -11.31 -8.05
N MET A 142 -3.69 -10.05 -7.88
CA MET A 142 -4.48 -9.10 -7.11
C MET A 142 -5.08 -8.05 -8.02
N SER A 143 -6.37 -7.77 -7.83
CA SER A 143 -7.08 -6.76 -8.59
C SER A 143 -7.63 -5.73 -7.62
N VAL A 144 -7.23 -4.47 -7.80
CA VAL A 144 -7.65 -3.37 -6.94
C VAL A 144 -8.60 -2.49 -7.73
N SER A 145 -9.79 -2.27 -7.19
CA SER A 145 -10.78 -1.39 -7.80
C SER A 145 -11.26 -0.40 -6.76
N TYR A 146 -11.76 0.74 -7.24
CA TYR A 146 -12.26 1.80 -6.37
C TYR A 146 -13.73 2.02 -6.66
N LYS A 147 -14.56 1.86 -5.63
CA LYS A 147 -16.00 2.02 -5.76
C LYS A 147 -16.41 3.39 -5.24
N GLU A 148 -17.15 4.13 -6.06
CA GLU A 148 -17.70 5.41 -5.64
C GLU A 148 -18.85 5.20 -4.68
N VAL A 149 -18.92 6.04 -3.65
CA VAL A 149 -20.01 6.01 -2.67
C VAL A 149 -20.42 7.44 -2.39
N ASP A 150 -21.72 7.72 -2.49
CA ASP A 150 -22.24 9.05 -2.18
C ASP A 150 -22.31 9.30 -0.68
N ARG A 151 -22.62 8.26 0.10
CA ARG A 151 -22.71 8.39 1.55
C ARG A 151 -22.21 7.10 2.18
N TYR A 152 -21.24 7.23 3.08
CA TYR A 152 -20.71 6.08 3.79
C TYR A 152 -21.68 5.64 4.88
N ASP A 153 -21.73 4.33 5.10
CA ASP A 153 -22.44 3.81 6.26
C ASP A 153 -21.82 4.36 7.53
N ALA A 154 -22.68 4.76 8.48
CA ALA A 154 -22.19 5.33 9.73
C ALA A 154 -21.15 4.40 10.34
N PRO A 155 -19.87 4.76 10.34
CA PRO A 155 -18.85 3.86 10.86
C PRO A 155 -18.74 3.94 12.38
N GLY A 156 -18.61 2.79 13.01
CA GLY A 156 -18.53 2.74 14.46
C GLY A 156 -17.14 2.99 14.98
N ILE A 157 -16.99 3.99 15.85
CA ILE A 157 -15.72 4.39 16.40
C ILE A 157 -15.71 3.99 17.88
N ALA A 158 -14.84 3.04 18.24
CA ALA A 158 -14.82 2.47 19.58
C ALA A 158 -13.58 2.97 20.31
N LEU A 159 -13.77 3.86 21.27
CA LEU A 159 -12.69 4.32 22.12
C LEU A 159 -12.68 3.56 23.44
N TYR A 160 -11.56 3.67 24.15
CA TYR A 160 -11.36 3.01 25.44
C TYR A 160 -10.83 4.06 26.41
N PRO A 161 -11.63 5.08 26.72
CA PRO A 161 -11.12 6.18 27.55
C PRO A 161 -10.55 5.75 28.88
N GLY A 162 -11.18 4.77 29.54
CA GLY A 162 -10.73 4.38 30.86
C GLY A 162 -11.07 5.41 31.89
N GLN A 163 -10.05 6.13 32.38
CA GLN A 163 -10.22 7.17 33.38
C GLN A 163 -10.38 8.56 32.78
N ALA A 164 -10.45 8.67 31.46
CA ALA A 164 -10.53 9.96 30.77
C ALA A 164 -11.99 10.23 30.42
N GLN A 165 -12.58 11.23 31.07
CA GLN A 165 -13.95 11.62 30.77
C GLN A 165 -14.05 12.20 29.37
N LEU A 166 -15.19 11.95 28.72
CA LEU A 166 -15.47 12.49 27.39
C LEU A 166 -16.12 13.85 27.57
N LEU A 167 -15.29 14.90 27.58
CA LEU A 167 -15.81 16.25 27.83
C LEU A 167 -16.80 16.66 26.75
N SER A 168 -16.50 16.41 25.49
CA SER A 168 -17.33 16.89 24.39
C SER A 168 -17.26 15.93 23.23
N CYS A 169 -18.41 15.79 22.53
CA CYS A 169 -18.51 14.94 21.36
C CYS A 169 -19.46 15.64 20.38
N LYS A 170 -18.90 16.39 19.44
CA LYS A 170 -19.69 17.22 18.54
C LYS A 170 -19.52 16.76 17.10
N HIS A 171 -20.40 17.26 16.25
CA HIS A 171 -20.32 17.05 14.81
C HIS A 171 -20.03 18.37 14.11
N HIS A 172 -19.33 18.31 12.99
CA HIS A 172 -18.99 19.51 12.25
C HIS A 172 -18.83 19.17 10.78
N TYR A 173 -18.78 20.20 9.94
CA TYR A 173 -18.71 20.05 8.49
C TYR A 173 -17.45 20.74 7.98
N GLU A 174 -16.37 19.98 7.87
CA GLU A 174 -15.18 20.39 7.13
C GLU A 174 -14.34 21.43 7.87
N VAL A 175 -14.81 21.91 9.02
CA VAL A 175 -14.08 22.93 9.77
C VAL A 175 -14.52 22.86 11.23
N ILE A 176 -13.55 22.90 12.12
CA ILE A 176 -13.78 22.86 13.56
C ILE A 176 -13.83 24.29 14.07
N PRO A 177 -14.91 24.72 14.71
CA PRO A 177 -14.94 26.08 15.27
C PRO A 177 -14.02 26.18 16.48
N PRO A 178 -13.60 27.39 16.84
CA PRO A 178 -12.70 27.53 17.99
C PRO A 178 -13.39 27.14 19.29
N LEU A 179 -12.58 26.61 20.21
CA LEU A 179 -13.12 26.15 21.49
C LEU A 179 -13.52 27.35 22.35
N THR A 180 -14.78 27.38 22.77
CA THR A 180 -15.23 28.44 23.65
C THR A 180 -14.49 28.41 24.98
N SER A 181 -14.29 27.22 25.54
CA SER A 181 -13.57 27.06 26.79
C SER A 181 -12.98 25.66 26.87
N PRO A 182 -11.74 25.46 26.45
CA PRO A 182 -11.16 24.11 26.51
C PRO A 182 -11.14 23.58 27.93
N GLY A 183 -11.35 22.27 28.05
CA GLY A 183 -11.37 21.62 29.35
C GLY A 183 -12.68 21.70 30.10
N GLN A 184 -13.72 22.23 29.48
CA GLN A 184 -15.03 22.33 30.11
C GLN A 184 -16.04 21.50 29.33
N PRO A 185 -16.76 20.59 29.97
CA PRO A 185 -17.67 19.71 29.23
C PRO A 185 -18.83 20.48 28.61
N GLY A 186 -19.35 19.94 27.52
CA GLY A 186 -20.51 20.50 26.86
C GLY A 186 -20.59 20.09 25.41
N ASP A 187 -21.78 20.29 24.84
CA ASP A 187 -22.02 20.05 23.41
C ASP A 187 -21.76 18.59 23.04
N MET A 188 -22.53 17.71 23.67
CA MET A 188 -22.46 16.28 23.35
C MET A 188 -23.53 15.91 22.33
N ASN A 189 -23.43 16.56 21.16
CA ASN A 189 -24.42 16.40 20.09
C ASN A 189 -24.07 15.21 19.19
N CYS A 190 -24.06 14.02 19.80
CA CYS A 190 -23.76 12.81 19.06
C CYS A 190 -24.31 11.61 19.82
N THR A 191 -24.40 10.48 19.12
CA THR A 191 -24.89 9.25 19.71
C THR A 191 -23.72 8.46 20.29
N THR A 192 -23.88 8.02 21.54
CA THR A 192 -22.85 7.27 22.23
C THR A 192 -23.48 6.10 22.97
N GLN A 193 -22.72 5.01 23.08
CA GLN A 193 -23.17 3.81 23.78
C GLN A 193 -21.99 3.21 24.53
N ARG A 194 -22.09 3.15 25.85
CA ARG A 194 -21.07 2.48 26.65
C ARG A 194 -21.24 0.97 26.57
N ILE A 195 -20.17 0.25 26.91
CA ILE A 195 -20.22 -1.20 26.99
C ILE A 195 -19.00 -1.67 27.77
N ASN A 196 -19.10 -2.86 28.36
CA ASN A 196 -17.98 -3.51 29.01
C ASN A 196 -17.88 -4.94 28.48
N TYR A 197 -16.68 -5.35 28.06
CA TYR A 197 -16.51 -6.66 27.45
C TYR A 197 -15.20 -7.28 27.92
N THR A 198 -15.19 -8.61 27.95
CA THR A 198 -14.00 -9.36 28.34
C THR A 198 -13.04 -9.44 27.16
N ASP A 199 -11.75 -9.33 27.46
CA ASP A 199 -10.73 -9.40 26.41
C ASP A 199 -10.78 -10.77 25.75
N PRO A 200 -10.84 -10.86 24.42
CA PRO A 200 -10.86 -12.18 23.77
C PRO A 200 -9.65 -13.03 24.10
N PHE A 201 -8.49 -12.42 24.32
CA PHE A 201 -7.26 -13.18 24.55
C PHE A 201 -7.05 -13.50 26.02
N SER A 202 -6.94 -12.46 26.86
CA SER A 202 -6.70 -12.70 28.29
C SER A 202 -7.89 -13.38 28.94
N ASN A 203 -9.11 -12.94 28.60
CA ASN A 203 -10.37 -13.43 29.14
C ASN A 203 -10.58 -13.03 30.60
N GLN A 204 -9.62 -12.36 31.23
CA GLN A 204 -9.74 -11.91 32.62
C GLN A 204 -9.97 -10.41 32.73
N THR A 205 -9.10 -9.61 32.12
CA THR A 205 -9.27 -8.17 32.15
C THR A 205 -10.52 -7.77 31.39
N VAL A 206 -11.28 -6.83 31.96
CA VAL A 206 -12.51 -6.34 31.36
C VAL A 206 -12.24 -4.92 30.85
N LYS A 207 -12.51 -4.70 29.57
CA LYS A 207 -12.30 -3.40 28.94
C LYS A 207 -13.63 -2.68 28.79
N SER A 208 -13.65 -1.42 29.19
CA SER A 208 -14.84 -0.57 29.09
C SER A 208 -14.70 0.29 27.84
N ALA A 209 -15.51 -0.02 26.83
CA ALA A 209 -15.45 0.66 25.55
C ALA A 209 -16.61 1.62 25.39
N LEU A 210 -16.42 2.62 24.55
CA LEU A 210 -17.43 3.61 24.21
C LEU A 210 -17.56 3.65 22.70
N ILE A 211 -18.75 3.36 22.19
CA ILE A 211 -19.02 3.34 20.75
C ILE A 211 -19.69 4.65 20.37
N VAL A 212 -19.15 5.30 19.34
CA VAL A 212 -19.68 6.57 18.86
C VAL A 212 -19.95 6.43 17.38
N GLN A 213 -21.05 7.04 16.93
CA GLN A 213 -21.39 7.04 15.51
C GLN A 213 -20.44 7.95 14.76
N GLY A 214 -19.85 7.44 13.69
CA GLY A 214 -18.91 8.21 12.91
C GLY A 214 -19.60 9.16 11.97
N PRO A 215 -18.86 9.72 11.02
CA PRO A 215 -19.46 10.66 10.07
C PRO A 215 -20.10 9.94 8.89
N ARG A 216 -21.38 10.23 8.63
CA ARG A 216 -22.09 9.61 7.52
C ARG A 216 -21.81 10.35 6.20
N GLU A 217 -22.12 11.64 6.15
CA GLU A 217 -21.86 12.42 4.96
C GLU A 217 -20.37 12.43 4.65
N VAL A 218 -20.02 12.20 3.39
CA VAL A 218 -18.64 12.24 2.93
C VAL A 218 -18.42 13.37 1.93
N LYS A 219 -19.39 13.62 1.06
CA LYS A 219 -19.26 14.72 0.10
C LYS A 219 -19.20 16.06 0.81
N LYS A 220 -19.86 16.18 1.96
CA LYS A 220 -19.86 17.40 2.75
C LYS A 220 -18.73 17.45 3.76
N ARG A 221 -17.89 16.42 3.82
CA ARG A 221 -16.75 16.38 4.74
C ARG A 221 -17.22 16.47 6.20
N GLU A 222 -18.23 15.67 6.54
CA GLU A 222 -18.70 15.62 7.91
C GLU A 222 -17.69 14.90 8.79
N LEU A 223 -17.53 15.39 10.01
CA LEU A 223 -16.52 14.86 10.92
C LEU A 223 -17.03 14.96 12.35
N VAL A 224 -16.49 14.10 13.21
CA VAL A 224 -16.84 14.05 14.62
C VAL A 224 -15.62 14.47 15.44
N PHE A 225 -15.83 15.41 16.35
CA PHE A 225 -14.79 16.02 17.15
C PHE A 225 -14.97 15.57 18.60
N LEU A 226 -13.97 14.89 19.16
CA LEU A 226 -14.04 14.34 20.51
C LEU A 226 -12.96 15.00 21.36
N GLN A 227 -13.38 15.65 22.43
CA GLN A 227 -12.48 16.21 23.43
C GLN A 227 -12.66 15.45 24.73
N PHE A 228 -11.61 14.77 25.17
CA PHE A 228 -11.59 14.10 26.45
C PHE A 228 -10.89 14.99 27.48
N ARG A 229 -10.61 14.43 28.65
CA ARG A 229 -9.85 15.12 29.67
C ARG A 229 -9.36 14.09 30.69
N LEU A 230 -8.15 14.31 31.21
CA LEU A 230 -7.58 13.44 32.23
C LEU A 230 -6.97 14.32 33.30
N ASN A 231 -7.31 14.05 34.56
CA ASN A 231 -6.87 14.86 35.69
C ASN A 231 -5.99 14.02 36.61
N LYS A 232 -4.80 14.53 36.90
CA LYS A 232 -3.87 13.89 37.83
C LYS A 232 -3.66 12.42 37.46
N SER A 233 -3.21 12.20 36.24
CA SER A 233 -2.97 10.85 35.75
C SER A 233 -1.78 10.24 36.49
N SER A 234 -1.96 9.02 36.99
CA SER A 234 -0.89 8.32 37.68
C SER A 234 0.02 7.54 36.74
N GLU A 235 -0.34 7.43 35.46
CA GLU A 235 0.44 6.70 34.49
C GLU A 235 1.02 7.67 33.47
N ASP A 236 2.30 7.50 33.16
CA ASP A 236 2.95 8.31 32.15
C ASP A 236 2.58 7.81 30.75
N PHE A 237 2.93 8.61 29.74
CA PHE A 237 2.65 8.27 28.35
C PHE A 237 1.15 8.15 28.11
N SER A 238 0.42 9.19 28.49
CA SER A 238 -1.03 9.16 28.41
C SER A 238 -1.49 9.04 26.97
N ALA A 239 -2.48 8.18 26.73
CA ALA A 239 -3.06 8.00 25.41
C ALA A 239 -4.32 7.16 25.54
N ILE A 240 -5.20 7.27 24.55
CA ILE A 240 -6.43 6.49 24.48
C ILE A 240 -6.39 5.60 23.25
N ASP A 241 -6.68 4.33 23.44
CA ASP A 241 -6.82 3.42 22.31
C ASP A 241 -8.11 3.73 21.56
N TYR A 242 -8.18 3.26 20.32
CA TYR A 242 -9.41 3.40 19.55
C TYR A 242 -9.37 2.42 18.39
N LEU A 243 -10.56 2.09 17.89
CA LEU A 243 -10.72 1.09 16.85
C LEU A 243 -11.92 1.48 16.00
N LEU A 244 -12.02 0.88 14.81
CA LEU A 244 -13.10 1.17 13.89
C LEU A 244 -13.75 -0.13 13.43
N PHE A 245 -15.07 -0.12 13.34
CA PHE A 245 -15.79 -1.22 12.72
C PHE A 245 -16.86 -0.67 11.79
N SER A 246 -17.40 -1.56 10.96
CA SER A 246 -18.06 -1.15 9.71
C SER A 246 -19.24 -0.24 9.98
N SER A 247 -20.17 -0.65 10.83
CA SER A 247 -21.43 0.06 11.00
C SER A 247 -21.83 0.12 12.47
N PHE A 248 -22.18 1.31 12.94
CA PHE A 248 -22.70 1.45 14.29
C PHE A 248 -24.11 0.87 14.40
N GLN A 249 -24.86 0.86 13.30
CA GLN A 249 -26.20 0.27 13.31
C GLN A 249 -26.13 -1.22 13.63
N GLU A 250 -25.11 -1.91 13.13
CA GLU A 250 -24.95 -3.32 13.45
C GLU A 250 -24.76 -3.51 14.94
N PHE A 251 -23.94 -2.67 15.58
CA PHE A 251 -23.79 -2.73 17.02
C PHE A 251 -25.09 -2.39 17.74
N LEU A 252 -25.90 -1.51 17.14
CA LEU A 252 -27.18 -1.15 17.76
C LEU A 252 -28.15 -2.32 17.75
N GLN A 253 -28.31 -2.98 16.60
CA GLN A 253 -29.36 -3.97 16.40
C GLN A 253 -28.90 -5.40 16.60
N SER A 254 -27.64 -5.63 16.91
CA SER A 254 -27.17 -7.00 17.08
C SER A 254 -27.87 -7.66 18.26
N PRO A 255 -28.09 -8.97 18.21
CA PRO A 255 -28.72 -9.64 19.36
C PRO A 255 -27.86 -9.56 20.62
N ASN A 256 -26.60 -9.96 20.52
CA ASN A 256 -25.63 -9.81 21.59
C ASN A 256 -24.57 -8.81 21.15
N ARG A 257 -24.37 -7.77 21.96
CA ARG A 257 -23.43 -6.71 21.61
C ARG A 257 -22.01 -7.03 22.04
N VAL A 258 -21.84 -7.83 23.09
CA VAL A 258 -20.50 -8.15 23.56
C VAL A 258 -19.75 -8.97 22.53
N GLY A 259 -20.39 -10.03 22.01
CA GLY A 259 -19.75 -10.87 21.02
C GLY A 259 -19.32 -10.09 19.79
N PHE A 260 -20.11 -9.08 19.42
CA PHE A 260 -19.71 -8.19 18.33
C PHE A 260 -18.36 -7.56 18.62
N MET A 261 -18.14 -7.14 19.87
CA MET A 261 -16.87 -6.52 20.23
C MET A 261 -15.74 -7.53 20.27
N GLN A 262 -15.97 -8.73 20.81
CA GLN A 262 -14.91 -9.74 20.73
C GLN A 262 -14.56 -10.07 19.29
N ALA A 263 -15.53 -10.02 18.37
CA ALA A 263 -15.22 -10.27 16.96
C ALA A 263 -14.42 -9.11 16.37
N CYS A 264 -14.84 -7.87 16.63
CA CYS A 264 -14.20 -6.72 16.02
C CYS A 264 -12.80 -6.48 16.57
N GLU A 265 -12.55 -6.81 17.83
CA GLU A 265 -11.24 -6.55 18.41
C GLU A 265 -10.15 -7.28 17.63
N SER A 266 -10.41 -8.53 17.24
CA SER A 266 -9.43 -9.29 16.46
C SER A 266 -9.60 -9.08 14.96
N ALA A 267 -10.82 -8.81 14.49
CA ALA A 267 -11.01 -8.57 13.07
C ALA A 267 -10.25 -7.34 12.60
N TYR A 268 -10.31 -6.26 13.39
CA TYR A 268 -9.58 -5.03 13.12
C TYR A 268 -8.38 -4.92 14.06
N SER A 269 -7.58 -3.89 13.85
CA SER A 269 -6.44 -3.59 14.70
C SER A 269 -6.67 -2.24 15.37
N SER A 270 -6.52 -2.21 16.70
CA SER A 270 -6.81 -1.02 17.48
C SER A 270 -5.57 -0.14 17.56
N TRP A 271 -5.68 1.09 17.06
CA TRP A 271 -4.61 2.06 17.13
C TRP A 271 -4.71 2.85 18.43
N LYS A 272 -3.81 3.81 18.60
CA LYS A 272 -3.81 4.68 19.77
C LYS A 272 -3.66 6.12 19.34
N PHE A 273 -4.26 7.03 20.10
CA PHE A 273 -4.10 8.45 19.85
C PHE A 273 -3.76 9.15 21.16
N SER A 274 -2.90 10.17 21.06
CA SER A 274 -2.14 10.68 22.18
C SER A 274 -2.71 12.00 22.67
N GLY A 275 -2.14 12.47 23.79
CA GLY A 275 -2.60 13.68 24.42
C GLY A 275 -1.84 14.92 23.97
N GLY A 276 -2.54 16.05 23.97
CA GLY A 276 -1.97 17.30 23.51
C GLY A 276 -1.95 17.45 22.02
N PHE A 277 -2.35 16.42 21.26
CA PHE A 277 -2.37 16.46 19.81
C PHE A 277 -3.79 16.25 19.31
N ARG A 278 -4.26 17.16 18.46
CA ARG A 278 -5.57 17.01 17.83
C ARG A 278 -5.43 16.04 16.66
N THR A 279 -5.08 14.80 17.01
CA THR A 279 -4.87 13.77 16.00
C THR A 279 -6.03 13.72 15.03
N TRP A 280 -5.75 14.04 13.78
CA TRP A 280 -6.75 14.02 12.72
C TRP A 280 -6.68 12.68 12.02
N VAL A 281 -7.76 11.91 12.10
CA VAL A 281 -7.82 10.55 11.58
C VAL A 281 -8.68 10.57 10.33
N LYS A 282 -8.07 10.31 9.18
CA LYS A 282 -8.81 10.18 7.93
C LYS A 282 -8.95 8.69 7.61
N MET A 283 -10.19 8.22 7.57
CA MET A 283 -10.47 6.80 7.42
C MET A 283 -10.72 6.44 5.97
N SER A 284 -10.50 5.17 5.64
CA SER A 284 -10.87 4.62 4.36
C SER A 284 -11.18 3.14 4.54
N LEU A 285 -12.03 2.61 3.68
CA LEU A 285 -12.50 1.24 3.79
C LEU A 285 -11.81 0.36 2.76
N VAL A 286 -11.28 -0.77 3.21
CA VAL A 286 -10.67 -1.77 2.34
C VAL A 286 -11.48 -3.05 2.50
N LYS A 287 -12.09 -3.49 1.40
CA LYS A 287 -12.90 -4.71 1.38
C LYS A 287 -12.13 -5.75 0.56
N THR A 288 -11.64 -6.78 1.24
CA THR A 288 -10.85 -7.82 0.61
C THR A 288 -11.71 -9.07 0.41
N LYS A 289 -11.78 -9.55 -0.83
CA LYS A 289 -12.49 -10.78 -1.13
C LYS A 289 -11.60 -11.98 -0.82
N GLU A 290 -12.10 -12.89 0.01
CA GLU A 290 -11.35 -14.06 0.43
C GLU A 290 -11.51 -15.24 -0.50
N GLU A 291 -12.23 -15.08 -1.61
CA GLU A 291 -12.51 -16.16 -2.55
C GLU A 291 -13.27 -17.31 -1.89
N ASP A 292 -13.94 -17.03 -0.76
CA ASP A 292 -14.75 -18.01 -0.04
C ASP A 292 -16.18 -17.54 0.10
N GLY A 293 -16.63 -16.59 -0.73
CA GLY A 293 -17.97 -16.05 -0.63
C GLY A 293 -18.15 -15.01 0.46
N ARG A 294 -17.09 -14.63 1.15
CA ARG A 294 -17.15 -13.65 2.22
C ARG A 294 -16.08 -12.59 2.00
N GLU A 295 -16.42 -11.34 2.29
CA GLU A 295 -15.50 -10.22 2.17
C GLU A 295 -15.16 -9.69 3.55
N ALA A 296 -13.87 -9.48 3.80
CA ALA A 296 -13.39 -8.92 5.05
C ALA A 296 -13.20 -7.42 4.88
N VAL A 297 -13.84 -6.64 5.74
CA VAL A 297 -13.85 -5.19 5.64
C VAL A 297 -13.01 -4.64 6.78
N GLU A 298 -12.00 -3.85 6.46
CA GLU A 298 -11.10 -3.28 7.44
C GLU A 298 -10.91 -1.79 7.16
N PHE A 299 -10.36 -1.09 8.15
CA PHE A 299 -10.19 0.35 8.09
C PHE A 299 -8.71 0.69 7.96
N ARG A 300 -8.38 1.52 6.99
CA ARG A 300 -7.05 2.11 6.85
C ARG A 300 -7.16 3.57 7.23
N GLN A 301 -6.45 3.96 8.29
CA GLN A 301 -6.59 5.29 8.88
C GLN A 301 -5.25 6.01 8.78
N GLU A 302 -5.27 7.19 8.15
CA GLU A 302 -4.10 8.05 8.07
C GLU A 302 -4.22 9.11 9.15
N THR A 303 -3.24 9.14 10.05
CA THR A 303 -3.28 10.00 11.22
C THR A 303 -2.28 11.14 11.05
N SER A 304 -2.76 12.36 11.25
CA SER A 304 -1.92 13.56 11.20
C SER A 304 -2.11 14.31 12.52
N VAL A 305 -1.08 14.26 13.37
CA VAL A 305 -1.17 14.89 14.69
C VAL A 305 -0.79 16.36 14.58
N VAL A 306 -1.47 17.19 15.35
CA VAL A 306 -1.22 18.63 15.39
C VAL A 306 -1.14 19.06 16.85
N ASN A 307 -0.09 19.81 17.17
CA ASN A 307 0.15 20.19 18.56
C ASN A 307 -0.96 21.08 19.08
N TYR A 308 -1.09 21.11 20.41
CA TYR A 308 -2.11 21.91 21.09
C TYR A 308 -1.43 23.00 21.91
N ILE A 309 -2.02 24.18 21.92
CA ILE A 309 -1.46 25.33 22.62
C ILE A 309 -2.03 25.37 24.03
N ASP A 310 -1.15 25.45 25.02
CA ASP A 310 -1.55 25.46 26.43
C ASP A 310 -1.69 26.91 26.88
N GLN A 311 -2.88 27.47 26.71
CA GLN A 311 -3.19 28.80 27.20
C GLN A 311 -3.93 28.78 28.53
N ARG A 312 -4.10 27.60 29.12
CA ARG A 312 -4.83 27.47 30.37
C ARG A 312 -3.99 27.97 31.54
N PRO A 313 -4.63 28.28 32.67
CA PRO A 313 -3.86 28.69 33.85
C PRO A 313 -2.93 27.59 34.31
N ALA A 314 -1.82 28.00 34.93
CA ALA A 314 -0.82 27.04 35.39
C ALA A 314 -1.46 25.97 36.27
N ALA A 315 -2.38 26.37 37.15
CA ALA A 315 -3.02 25.39 38.03
C ALA A 315 -3.74 24.32 37.24
N LYS A 316 -4.42 24.70 36.16
CA LYS A 316 -5.12 23.75 35.31
C LYS A 316 -4.17 22.89 34.48
N LYS A 317 -2.88 23.21 34.44
CA LYS A 317 -1.94 22.41 33.67
C LYS A 317 -1.81 20.99 34.18
N SER A 318 -2.24 20.72 35.42
CA SER A 318 -2.16 19.37 35.94
C SER A 318 -2.99 18.40 35.11
N ALA A 319 -4.21 18.80 34.75
CA ALA A 319 -5.05 17.97 33.90
C ALA A 319 -4.52 17.97 32.48
N GLN A 320 -4.56 16.81 31.84
CA GLN A 320 -4.08 16.64 30.48
C GLN A 320 -5.26 16.41 29.55
N LEU A 321 -5.36 17.24 28.51
CA LEU A 321 -6.50 17.21 27.60
C LEU A 321 -6.17 16.42 26.35
N PHE A 322 -7.15 15.64 25.88
CA PHE A 322 -7.03 14.84 24.67
C PHE A 322 -7.98 15.41 23.63
N PHE A 323 -7.54 15.44 22.37
CA PHE A 323 -8.38 15.90 21.27
C PHE A 323 -8.20 14.96 20.10
N VAL A 324 -9.31 14.57 19.47
CA VAL A 324 -9.26 13.71 18.29
C VAL A 324 -10.40 14.08 17.35
N VAL A 325 -10.19 13.80 16.07
CA VAL A 325 -11.18 14.08 15.03
C VAL A 325 -11.25 12.86 14.12
N PHE A 326 -12.46 12.42 13.80
CA PHE A 326 -12.66 11.31 12.89
C PHE A 326 -13.49 11.78 11.71
N GLU A 327 -13.00 11.54 10.50
CA GLU A 327 -13.70 11.92 9.28
C GLU A 327 -13.43 10.87 8.22
N TRP A 328 -13.89 11.13 7.00
CA TRP A 328 -13.71 10.24 5.87
C TRP A 328 -12.73 10.87 4.88
N LYS A 329 -11.69 10.12 4.53
CA LYS A 329 -10.67 10.65 3.62
C LYS A 329 -11.29 11.05 2.29
N ASP A 330 -11.82 10.08 1.56
CA ASP A 330 -12.43 10.33 0.27
C ASP A 330 -13.53 9.29 0.05
N PRO A 331 -14.51 9.58 -0.81
CA PRO A 331 -15.62 8.65 -1.05
C PRO A 331 -15.27 7.52 -1.99
N PHE A 332 -14.11 6.91 -1.78
CA PHE A 332 -13.66 5.75 -2.55
C PHE A 332 -13.49 4.58 -1.59
N ILE A 333 -14.09 3.45 -1.93
CA ILE A 333 -13.92 2.21 -1.18
C ILE A 333 -13.02 1.29 -1.99
N GLN A 334 -11.93 0.80 -1.38
CA GLN A 334 -10.93 0.02 -2.09
C GLN A 334 -11.30 -1.46 -2.00
N LYS A 335 -11.74 -2.04 -3.11
CA LYS A 335 -12.05 -3.46 -3.20
C LYS A 335 -10.82 -4.19 -3.73
N VAL A 336 -10.32 -5.14 -2.96
CA VAL A 336 -9.14 -5.93 -3.32
C VAL A 336 -9.60 -7.37 -3.49
N GLN A 337 -9.57 -7.85 -4.74
CA GLN A 337 -10.04 -9.19 -5.07
C GLN A 337 -8.86 -10.03 -5.53
N ASP A 338 -8.73 -11.23 -4.95
CA ASP A 338 -7.68 -12.16 -5.35
C ASP A 338 -8.16 -12.94 -6.56
N ILE A 339 -7.90 -12.39 -7.75
CA ILE A 339 -8.27 -13.05 -8.99
C ILE A 339 -7.42 -14.30 -9.15
N VAL A 340 -8.00 -15.35 -9.71
CA VAL A 340 -7.31 -16.60 -9.99
C VAL A 340 -7.30 -16.80 -11.50
N THR A 341 -6.11 -16.86 -12.08
CA THR A 341 -5.95 -17.05 -13.52
C THR A 341 -5.79 -18.51 -13.92
N ALA A 342 -5.74 -19.43 -12.94
CA ALA A 342 -5.59 -20.85 -13.23
C ALA A 342 -6.96 -21.45 -13.49
N ASN A 343 -7.51 -21.15 -14.66
CA ASN A 343 -8.81 -21.65 -15.05
C ASN A 343 -8.65 -23.02 -15.70
N PRO A 344 -9.22 -24.09 -15.15
CA PRO A 344 -9.02 -25.41 -15.76
C PRO A 344 -9.53 -25.51 -17.18
N TRP A 345 -10.65 -24.84 -17.49
CA TRP A 345 -11.22 -24.94 -18.82
C TRP A 345 -10.31 -24.33 -19.87
N ASN A 346 -9.70 -23.18 -19.56
CA ASN A 346 -8.75 -22.58 -20.50
C ASN A 346 -7.58 -23.51 -20.75
N THR A 347 -7.05 -24.14 -19.70
CA THR A 347 -5.93 -25.05 -19.89
C THR A 347 -6.34 -26.26 -20.73
N ILE A 348 -7.52 -26.82 -20.48
CA ILE A 348 -7.97 -27.96 -21.27
C ILE A 348 -8.13 -27.58 -22.72
N ALA A 349 -8.72 -26.40 -22.98
CA ALA A 349 -8.89 -25.95 -24.36
C ALA A 349 -7.53 -25.75 -25.03
N LEU A 350 -6.58 -25.13 -24.33
CA LEU A 350 -5.26 -24.93 -24.90
C LEU A 350 -4.60 -26.26 -25.23
N LEU A 351 -4.69 -27.22 -24.30
CA LEU A 351 -4.06 -28.51 -24.53
C LEU A 351 -4.70 -29.25 -25.69
N CYS A 352 -6.03 -29.21 -25.79
CA CYS A 352 -6.70 -29.87 -26.90
C CYS A 352 -6.33 -29.23 -28.23
N GLY A 353 -6.28 -27.90 -28.27
CA GLY A 353 -5.86 -27.23 -29.50
C GLY A 353 -4.45 -27.62 -29.89
N ALA A 354 -3.53 -27.64 -28.91
CA ALA A 354 -2.15 -28.02 -29.22
C ALA A 354 -2.08 -29.46 -29.70
N PHE A 355 -2.83 -30.36 -29.08
CA PHE A 355 -2.81 -31.75 -29.50
C PHE A 355 -3.33 -31.90 -30.93
N LEU A 356 -4.44 -31.23 -31.25
CA LEU A 356 -4.96 -31.31 -32.62
C LEU A 356 -3.98 -30.74 -33.61
N ALA A 357 -3.37 -29.60 -33.29
CA ALA A 357 -2.38 -29.02 -34.19
C ALA A 357 -1.21 -29.97 -34.41
N LEU A 358 -0.74 -30.62 -33.34
CA LEU A 358 0.39 -31.53 -33.47
C LEU A 358 0.02 -32.76 -34.30
N PHE A 359 -1.16 -33.33 -34.06
CA PHE A 359 -1.57 -34.49 -34.85
C PHE A 359 -1.69 -34.14 -36.32
N LYS A 360 -2.29 -32.99 -36.63
CA LYS A 360 -2.44 -32.60 -38.03
C LYS A 360 -1.10 -32.21 -38.65
N ALA A 361 -0.16 -31.68 -37.86
CA ALA A 361 1.19 -31.46 -38.39
C ALA A 361 1.88 -32.77 -38.70
N ALA A 362 1.70 -33.78 -37.85
CA ALA A 362 2.24 -35.10 -38.13
C ALA A 362 1.65 -35.68 -39.41
N GLU A 363 0.34 -35.51 -39.60
CA GLU A 363 -0.30 -35.99 -40.81
C GLU A 363 0.21 -35.24 -42.04
N PHE A 364 0.41 -33.93 -41.92
CA PHE A 364 0.99 -33.16 -43.01
C PHE A 364 2.38 -33.67 -43.35
N ALA A 365 3.20 -33.95 -42.32
CA ALA A 365 4.55 -34.45 -42.56
C ALA A 365 4.51 -35.80 -43.25
N LYS A 366 3.61 -36.69 -42.82
CA LYS A 366 3.48 -37.99 -43.47
C LYS A 366 3.05 -37.84 -44.92
N LEU A 367 2.09 -36.96 -45.19
CA LEU A 367 1.64 -36.73 -46.55
C LEU A 367 2.79 -36.19 -47.42
N SER A 368 3.56 -35.25 -46.88
CA SER A 368 4.68 -34.70 -47.62
C SER A 368 5.73 -35.77 -47.91
N ILE A 369 6.01 -36.63 -46.92
CA ILE A 369 6.98 -37.71 -47.13
C ILE A 369 6.49 -38.66 -48.22
N LYS A 370 5.21 -39.01 -48.17
CA LYS A 370 4.65 -39.89 -49.20
C LYS A 370 4.74 -39.24 -50.57
N TRP A 371 4.42 -37.94 -50.66
CA TRP A 371 4.51 -37.23 -51.93
C TRP A 371 5.93 -37.23 -52.46
N MET A 372 6.91 -37.01 -51.59
CA MET A 372 8.30 -37.00 -52.03
C MET A 372 8.71 -38.36 -52.59
N ILE A 373 8.28 -39.44 -51.94
CA ILE A 373 8.60 -40.79 -52.41
C ILE A 373 7.96 -41.03 -53.77
N VAL B 106 -17.92 -15.85 -60.20
CA VAL B 106 -17.96 -17.30 -60.34
C VAL B 106 -17.60 -17.94 -59.00
N PHE B 107 -17.93 -19.24 -58.87
CA PHE B 107 -17.70 -19.93 -57.60
C PHE B 107 -16.22 -19.95 -57.24
N SER B 108 -15.35 -20.20 -58.22
CA SER B 108 -13.92 -20.26 -57.93
C SER B 108 -13.40 -18.94 -57.41
N VAL B 109 -13.84 -17.82 -58.01
CA VAL B 109 -13.40 -16.51 -57.55
C VAL B 109 -13.87 -16.25 -56.13
N LEU B 110 -15.12 -16.62 -55.82
CA LEU B 110 -15.64 -16.44 -54.48
C LEU B 110 -14.84 -17.26 -53.47
N LEU B 111 -14.52 -18.52 -53.82
CA LEU B 111 -13.72 -19.35 -52.91
C LEU B 111 -12.34 -18.75 -52.71
N ILE B 112 -11.73 -18.25 -53.78
CA ILE B 112 -10.40 -17.64 -53.65
C ILE B 112 -10.47 -16.42 -52.75
N PHE B 113 -11.49 -15.58 -52.91
CA PHE B 113 -11.63 -14.41 -52.06
C PHE B 113 -11.85 -14.81 -50.61
N ILE B 114 -12.64 -15.86 -50.37
CA ILE B 114 -12.87 -16.32 -49.00
C ILE B 114 -11.57 -16.81 -48.38
N TYR B 115 -10.79 -17.58 -49.14
CA TYR B 115 -9.52 -18.08 -48.61
C TYR B 115 -8.57 -16.93 -48.32
N LEU B 116 -8.53 -15.92 -49.20
CA LEU B 116 -7.68 -14.75 -48.97
C LEU B 116 -8.13 -13.99 -47.72
N LEU B 117 -9.44 -13.86 -47.52
CA LEU B 117 -9.94 -13.22 -46.31
C LEU B 117 -9.54 -14.00 -45.06
N LEU B 118 -9.62 -15.33 -45.13
CA LEU B 118 -9.20 -16.14 -43.98
C LEU B 118 -7.71 -15.98 -43.71
N MET B 119 -6.90 -15.91 -44.77
CA MET B 119 -5.46 -15.69 -44.58
C MET B 119 -5.20 -14.32 -43.94
N ALA B 120 -5.93 -13.30 -44.38
CA ALA B 120 -5.78 -11.98 -43.77
C ALA B 120 -6.18 -12.01 -42.30
N VAL B 121 -7.26 -12.72 -41.98
CA VAL B 121 -7.67 -12.85 -40.59
C VAL B 121 -6.58 -13.55 -39.78
N ALA B 122 -5.96 -14.58 -40.35
CA ALA B 122 -4.88 -15.27 -39.66
C ALA B 122 -3.71 -14.33 -39.40
N VAL B 123 -3.35 -13.51 -40.40
CA VAL B 123 -2.24 -12.59 -40.22
C VAL B 123 -2.57 -11.56 -39.13
N PHE B 124 -3.81 -11.07 -39.12
CA PHE B 124 -4.22 -10.12 -38.09
C PHE B 124 -4.18 -10.76 -36.70
N LEU B 125 -4.61 -12.02 -36.60
CA LEU B 125 -4.54 -12.72 -35.33
C LEU B 125 -3.09 -12.87 -34.87
N VAL B 126 -2.19 -13.18 -35.81
CA VAL B 126 -0.78 -13.29 -35.45
C VAL B 126 -0.26 -11.96 -34.94
N TYR B 127 -0.58 -10.87 -35.63
CA TYR B 127 -0.11 -9.56 -35.20
C TYR B 127 -0.64 -9.22 -33.82
N ARG B 128 -1.93 -9.48 -33.56
CA ARG B 128 -2.49 -9.20 -32.25
C ARG B 128 -1.81 -10.02 -31.17
N THR B 129 -1.56 -11.30 -31.43
CA THR B 129 -0.89 -12.13 -30.44
C THR B 129 0.52 -11.62 -30.17
N ILE B 130 1.25 -11.22 -31.20
CA ILE B 130 2.61 -10.73 -31.01
C ILE B 130 2.59 -9.46 -30.15
N THR B 131 1.74 -8.50 -30.51
CA THR B 131 1.73 -7.24 -29.75
C THR B 131 1.26 -7.48 -28.31
N ASP B 132 0.26 -8.34 -28.12
CA ASP B 132 -0.21 -8.62 -26.76
C ASP B 132 0.85 -9.34 -25.94
N PHE B 133 1.60 -10.25 -26.57
CA PHE B 133 2.67 -10.93 -25.85
C PHE B 133 3.76 -9.94 -25.44
N ARG B 134 4.13 -9.03 -26.34
CA ARG B 134 5.10 -8.01 -25.99
C ARG B 134 4.61 -7.18 -24.81
N GLU B 135 3.35 -6.74 -24.88
CA GLU B 135 2.79 -5.92 -23.80
C GLU B 135 2.80 -6.67 -22.47
N LYS B 136 2.29 -7.91 -22.47
CA LYS B 136 2.23 -8.67 -21.23
C LYS B 136 3.62 -8.97 -20.69
N LEU B 137 4.61 -9.14 -21.57
CA LEU B 137 5.98 -9.32 -21.10
C LEU B 137 6.49 -8.06 -20.44
N LYS B 138 6.14 -6.89 -20.98
CA LYS B 138 6.61 -5.64 -20.39
C LYS B 138 5.97 -5.38 -19.03
N HIS B 139 4.71 -5.76 -18.85
CA HIS B 139 3.93 -5.43 -17.65
C HIS B 139 3.54 -6.70 -16.91
N PRO B 140 4.39 -7.20 -16.03
CA PRO B 140 3.99 -8.31 -15.16
C PRO B 140 2.94 -7.87 -14.14
N VAL B 141 2.07 -8.80 -13.77
CA VAL B 141 1.06 -8.53 -12.76
C VAL B 141 1.65 -8.78 -11.38
N MET B 142 0.96 -8.30 -10.35
CA MET B 142 1.41 -8.42 -8.97
C MET B 142 0.49 -9.36 -8.20
N SER B 143 1.09 -10.27 -7.44
CA SER B 143 0.35 -11.22 -6.61
C SER B 143 0.78 -11.02 -5.16
N VAL B 144 -0.17 -10.70 -4.30
CA VAL B 144 0.10 -10.47 -2.88
C VAL B 144 -0.50 -11.63 -2.11
N SER B 145 0.33 -12.29 -1.29
CA SER B 145 -0.11 -13.36 -0.44
C SER B 145 0.38 -13.10 0.98
N TYR B 146 -0.31 -13.70 1.95
CA TYR B 146 0.03 -13.54 3.36
C TYR B 146 0.39 -14.90 3.93
N LYS B 147 1.57 -15.00 4.51
CA LYS B 147 2.06 -16.24 5.11
C LYS B 147 1.93 -16.16 6.62
N GLU B 148 1.30 -17.19 7.20
CA GLU B 148 1.20 -17.30 8.65
C GLU B 148 2.55 -17.72 9.23
N VAL B 149 2.91 -17.11 10.35
CA VAL B 149 4.13 -17.47 11.06
C VAL B 149 3.82 -17.51 12.55
N ASP B 150 4.20 -18.61 13.21
CA ASP B 150 4.00 -18.74 14.65
C ASP B 150 5.01 -17.92 15.44
N ARG B 151 6.25 -17.84 14.96
CA ARG B 151 7.30 -17.08 15.63
C ARG B 151 8.18 -16.42 14.58
N TYR B 152 8.35 -15.11 14.71
CA TYR B 152 9.21 -14.37 13.80
C TYR B 152 10.68 -14.57 14.15
N ASP B 153 11.52 -14.58 13.12
CA ASP B 153 12.96 -14.55 13.35
C ASP B 153 13.32 -13.27 14.09
N ALA B 154 14.18 -13.39 15.09
CA ALA B 154 14.58 -12.25 15.89
C ALA B 154 15.05 -11.12 14.96
N PRO B 155 14.29 -10.05 14.82
CA PRO B 155 14.67 -8.99 13.88
C PRO B 155 15.68 -8.04 14.49
N GLY B 156 16.70 -7.70 13.71
CA GLY B 156 17.76 -6.84 14.20
C GLY B 156 17.35 -5.38 14.11
N ILE B 157 17.49 -4.66 15.23
CA ILE B 157 17.10 -3.27 15.33
C ILE B 157 18.37 -2.45 15.51
N ALA B 158 18.69 -1.62 14.53
CA ALA B 158 19.94 -0.86 14.51
C ALA B 158 19.62 0.60 14.82
N LEU B 159 19.95 1.03 16.03
CA LEU B 159 19.79 2.42 16.43
C LEU B 159 21.13 3.15 16.30
N TYR B 160 21.06 4.47 16.27
CA TYR B 160 22.24 5.32 16.13
C TYR B 160 22.21 6.40 17.21
N PRO B 161 22.31 6.00 18.48
CA PRO B 161 22.12 6.97 19.57
C PRO B 161 23.05 8.17 19.48
N GLY B 162 24.31 7.97 19.09
CA GLY B 162 25.26 9.06 19.09
C GLY B 162 25.66 9.46 20.49
N GLN B 163 25.19 10.61 20.95
CA GLN B 163 25.52 11.13 22.26
C GLN B 163 24.48 10.78 23.32
N ALA B 164 23.47 9.98 22.97
CA ALA B 164 22.40 9.62 23.90
C ALA B 164 22.61 8.19 24.37
N GLN B 165 22.98 8.04 25.64
CA GLN B 165 23.21 6.73 26.20
C GLN B 165 21.90 5.95 26.31
N LEU B 166 22.01 4.62 26.22
CA LEU B 166 20.85 3.73 26.31
C LEU B 166 20.60 3.44 27.78
N LEU B 167 19.71 4.22 28.40
CA LEU B 167 19.46 4.06 29.83
C LEU B 167 18.91 2.67 30.14
N SER B 168 17.95 2.19 29.35
CA SER B 168 17.29 0.94 29.66
C SER B 168 16.86 0.24 28.38
N CYS B 169 16.94 -1.10 28.41
CA CYS B 169 16.54 -1.93 27.28
C CYS B 169 15.91 -3.19 27.85
N LYS B 170 14.59 -3.20 27.96
CA LYS B 170 13.87 -4.29 28.60
C LYS B 170 12.97 -5.00 27.60
N HIS B 171 12.49 -6.16 28.00
CA HIS B 171 11.51 -6.92 27.25
C HIS B 171 10.20 -6.98 28.02
N HIS B 172 9.09 -7.03 27.29
CA HIS B 172 7.78 -7.08 27.93
C HIS B 172 6.81 -7.81 27.02
N TYR B 173 5.65 -8.16 27.57
CA TYR B 173 4.64 -8.94 26.88
C TYR B 173 3.34 -8.14 26.84
N GLU B 174 3.15 -7.39 25.75
CA GLU B 174 1.85 -6.79 25.43
C GLU B 174 1.50 -5.60 26.30
N VAL B 175 2.32 -5.29 27.31
CA VAL B 175 2.02 -4.19 28.21
C VAL B 175 3.32 -3.73 28.85
N ILE B 176 3.51 -2.42 28.90
CA ILE B 176 4.69 -1.80 29.51
C ILE B 176 4.33 -1.41 30.94
N PRO B 177 5.07 -1.88 31.93
CA PRO B 177 4.79 -1.47 33.31
C PRO B 177 5.20 -0.03 33.55
N PRO B 178 4.67 0.61 34.59
CA PRO B 178 5.05 2.00 34.85
C PRO B 178 6.52 2.12 35.21
N LEU B 179 7.12 3.25 34.83
CA LEU B 179 8.53 3.48 35.10
C LEU B 179 8.74 3.72 36.58
N THR B 180 9.64 2.93 37.19
CA THR B 180 9.95 3.15 38.60
C THR B 180 10.59 4.52 38.82
N SER B 181 11.50 4.91 37.93
CA SER B 181 12.17 6.20 38.02
C SER B 181 12.66 6.62 36.64
N PRO B 182 11.88 7.39 35.89
CA PRO B 182 12.33 7.79 34.55
C PRO B 182 13.65 8.56 34.61
N GLY B 183 14.49 8.34 33.61
CA GLY B 183 15.78 9.01 33.54
C GLY B 183 16.88 8.36 34.34
N GLN B 184 16.64 7.19 34.91
CA GLN B 184 17.65 6.48 35.68
C GLN B 184 17.96 5.15 35.00
N PRO B 185 19.23 4.83 34.76
CA PRO B 185 19.54 3.59 34.02
C PRO B 185 19.22 2.35 34.84
N GLY B 186 18.96 1.26 34.12
CA GLY B 186 18.72 -0.01 34.75
C GLY B 186 17.93 -0.93 33.86
N ASP B 187 17.92 -2.21 34.23
CA ASP B 187 17.13 -3.24 33.57
C ASP B 187 17.49 -3.36 32.08
N MET B 188 18.75 -3.74 31.84
CA MET B 188 19.21 -4.01 30.48
C MET B 188 19.08 -5.50 30.16
N ASN B 189 17.84 -5.98 30.23
CA ASN B 189 17.54 -7.40 30.05
C ASN B 189 17.34 -7.72 28.56
N CYS B 190 18.39 -7.45 27.78
CA CYS B 190 18.35 -7.72 26.35
C CYS B 190 19.77 -7.81 25.82
N THR B 191 19.89 -8.38 24.62
CA THR B 191 21.19 -8.54 23.98
C THR B 191 21.47 -7.33 23.11
N THR B 192 22.66 -6.76 23.25
CA THR B 192 23.05 -5.58 22.49
C THR B 192 24.49 -5.73 22.01
N GLN B 193 24.77 -5.19 20.84
CA GLN B 193 26.12 -5.22 20.27
C GLN B 193 26.42 -3.88 19.61
N ARG B 194 27.49 -3.24 20.05
CA ARG B 194 27.91 -1.98 19.43
C ARG B 194 28.68 -2.28 18.14
N ILE B 195 28.83 -1.26 17.31
CA ILE B 195 29.64 -1.36 16.10
C ILE B 195 29.89 0.04 15.58
N ASN B 196 30.98 0.21 14.84
CA ASN B 196 31.27 1.45 14.13
C ASN B 196 31.56 1.12 12.68
N TYR B 197 30.90 1.82 11.76
CA TYR B 197 31.03 1.50 10.34
C TYR B 197 31.09 2.77 9.52
N THR B 198 31.78 2.68 8.38
CA THR B 198 31.87 3.81 7.46
C THR B 198 30.62 3.90 6.60
N ASP B 199 30.17 5.12 6.36
CA ASP B 199 28.98 5.34 5.55
C ASP B 199 29.24 4.83 4.13
N PRO B 200 28.36 3.99 3.57
CA PRO B 200 28.58 3.53 2.19
C PRO B 200 28.66 4.65 1.18
N PHE B 201 27.97 5.77 1.41
CA PHE B 201 27.91 6.85 0.44
C PHE B 201 29.05 7.85 0.63
N SER B 202 29.11 8.48 1.80
CA SER B 202 30.15 9.47 2.05
C SER B 202 31.53 8.82 2.14
N ASN B 203 31.64 7.68 2.82
CA ASN B 203 32.86 6.92 3.05
C ASN B 203 33.82 7.62 3.99
N GLN B 204 33.49 8.83 4.47
CA GLN B 204 34.34 9.56 5.40
C GLN B 204 33.77 9.56 6.82
N THR B 205 32.52 9.99 6.99
CA THR B 205 31.90 9.98 8.29
C THR B 205 31.72 8.54 8.78
N VAL B 206 32.01 8.32 10.06
CA VAL B 206 31.89 7.02 10.69
C VAL B 206 30.68 7.06 11.61
N LYS B 207 29.75 6.13 11.42
CA LYS B 207 28.53 6.05 12.20
C LYS B 207 28.66 4.94 13.23
N SER B 208 28.29 5.25 14.47
CA SER B 208 28.33 4.30 15.57
C SER B 208 26.92 3.76 15.77
N ALA B 209 26.72 2.49 15.45
CA ALA B 209 25.42 1.84 15.52
C ALA B 209 25.37 0.87 16.70
N LEU B 210 24.15 0.65 17.18
CA LEU B 210 23.86 -0.31 18.24
C LEU B 210 22.81 -1.28 17.73
N ILE B 211 23.13 -2.57 17.71
CA ILE B 211 22.23 -3.60 17.23
C ILE B 211 21.61 -4.29 18.43
N VAL B 212 20.28 -4.38 18.43
CA VAL B 212 19.51 -4.98 19.51
C VAL B 212 18.62 -6.06 18.94
N GLN B 213 18.46 -7.14 19.68
CA GLN B 213 17.54 -8.20 19.28
C GLN B 213 16.11 -7.71 19.41
N GLY B 214 15.32 -7.93 18.37
CA GLY B 214 13.93 -7.54 18.38
C GLY B 214 13.10 -8.56 19.12
N PRO B 215 11.77 -8.45 18.99
CA PRO B 215 10.90 -9.42 19.66
C PRO B 215 10.67 -10.66 18.83
N ARG B 216 10.92 -11.83 19.42
CA ARG B 216 10.73 -13.10 18.72
C ARG B 216 9.28 -13.55 18.75
N GLU B 217 8.72 -13.72 19.94
CA GLU B 217 7.33 -14.13 20.07
C GLU B 217 6.42 -13.07 19.46
N VAL B 218 5.47 -13.51 18.64
CA VAL B 218 4.48 -12.63 18.04
C VAL B 218 3.08 -12.93 18.56
N LYS B 219 2.76 -14.20 18.77
CA LYS B 219 1.46 -14.56 19.30
C LYS B 219 1.26 -13.99 20.70
N LYS B 220 2.36 -13.87 21.47
CA LYS B 220 2.31 -13.32 22.81
C LYS B 220 2.54 -11.81 22.85
N ARG B 221 2.70 -11.18 21.68
CA ARG B 221 2.89 -9.73 21.60
C ARG B 221 4.14 -9.28 22.37
N GLU B 222 5.22 -10.03 22.22
CA GLU B 222 6.48 -9.63 22.86
C GLU B 222 7.01 -8.36 22.22
N LEU B 223 7.57 -7.49 23.04
CA LEU B 223 8.05 -6.20 22.58
C LEU B 223 9.28 -5.78 23.38
N VAL B 224 10.09 -4.93 22.77
CA VAL B 224 11.32 -4.42 23.38
C VAL B 224 11.14 -2.93 23.64
N PHE B 225 11.44 -2.52 24.87
CA PHE B 225 11.25 -1.16 25.34
C PHE B 225 12.62 -0.53 25.57
N LEU B 226 12.92 0.53 24.82
CA LEU B 226 14.21 1.20 24.88
C LEU B 226 14.00 2.62 25.41
N GLN B 227 14.65 2.94 26.52
CA GLN B 227 14.67 4.29 27.06
C GLN B 227 16.09 4.83 26.94
N PHE B 228 16.25 5.89 26.16
CA PHE B 228 17.52 6.59 26.03
C PHE B 228 17.52 7.80 26.95
N ARG B 229 18.54 8.65 26.82
CA ARG B 229 18.59 9.91 27.54
C ARG B 229 19.63 10.80 26.88
N LEU B 230 19.37 12.10 26.88
CA LEU B 230 20.28 13.08 26.34
C LEU B 230 20.35 14.26 27.30
N ASN B 231 21.57 14.70 27.62
CA ASN B 231 21.79 15.76 28.59
C ASN B 231 22.49 16.93 27.92
N LYS B 232 21.91 18.12 28.08
CA LYS B 232 22.49 19.37 27.57
C LYS B 232 22.88 19.22 26.10
N SER B 233 21.89 18.85 25.29
CA SER B 233 22.10 18.67 23.86
C SER B 233 22.42 20.01 23.21
N SER B 234 23.48 20.05 22.40
CA SER B 234 23.87 21.26 21.69
C SER B 234 23.17 21.42 20.36
N GLU B 235 22.43 20.40 19.91
CA GLU B 235 21.73 20.44 18.64
C GLU B 235 20.23 20.44 18.89
N ASP B 236 19.51 21.30 18.18
CA ASP B 236 18.05 21.33 18.27
C ASP B 236 17.45 20.18 17.47
N PHE B 237 16.16 19.95 17.68
CA PHE B 237 15.42 18.91 16.96
C PHE B 237 15.98 17.52 17.29
N SER B 238 16.06 17.22 18.57
CA SER B 238 16.65 15.95 19.02
C SER B 238 15.87 14.77 18.46
N ALA B 239 16.61 13.79 17.96
CA ALA B 239 16.00 12.55 17.47
C ALA B 239 17.10 11.53 17.26
N ILE B 240 16.70 10.26 17.29
CA ILE B 240 17.61 9.14 17.05
C ILE B 240 17.14 8.39 15.81
N ASP B 241 18.06 8.13 14.89
CA ASP B 241 17.76 7.31 13.74
C ASP B 241 17.60 5.85 14.16
N TYR B 242 17.01 5.06 13.28
CA TYR B 242 16.92 3.63 13.53
C TYR B 242 16.55 2.93 12.24
N LEU B 243 16.85 1.64 12.19
CA LEU B 243 16.69 0.83 10.99
C LEU B 243 16.43 -0.61 11.43
N LEU B 244 15.92 -1.41 10.49
CA LEU B 244 15.60 -2.80 10.77
C LEU B 244 16.20 -3.70 9.71
N PHE B 245 16.73 -4.85 10.13
CA PHE B 245 17.15 -5.87 9.18
C PHE B 245 16.70 -7.24 9.68
N SER B 246 16.80 -8.22 8.78
CA SER B 246 16.01 -9.44 8.88
C SER B 246 16.26 -10.18 10.18
N SER B 247 17.52 -10.49 10.48
CA SER B 247 17.84 -11.36 11.60
C SER B 247 19.09 -10.86 12.31
N PHE B 248 18.99 -10.74 13.64
CA PHE B 248 20.16 -10.39 14.44
C PHE B 248 21.16 -11.53 14.46
N GLN B 249 20.70 -12.77 14.28
CA GLN B 249 21.62 -13.90 14.23
C GLN B 249 22.56 -13.79 13.04
N GLU B 250 22.07 -13.28 11.91
CA GLU B 250 22.94 -13.07 10.76
C GLU B 250 24.06 -12.10 11.10
N PHE B 251 23.72 -11.01 11.79
CA PHE B 251 24.76 -10.08 12.24
C PHE B 251 25.71 -10.75 13.23
N LEU B 252 25.20 -11.66 14.05
CA LEU B 252 26.04 -12.35 15.02
C LEU B 252 27.07 -13.23 14.33
N GLN B 253 26.62 -14.08 13.41
CA GLN B 253 27.45 -15.15 12.85
C GLN B 253 28.13 -14.76 11.54
N SER B 254 27.88 -13.56 11.01
CA SER B 254 28.48 -13.19 9.75
C SER B 254 30.00 -13.15 9.88
N PRO B 255 30.73 -13.47 8.79
CA PRO B 255 32.20 -13.38 8.88
C PRO B 255 32.68 -11.96 9.12
N ASN B 256 32.22 -11.00 8.32
CA ASN B 256 32.48 -9.59 8.53
C ASN B 256 31.17 -8.88 8.84
N ARG B 257 31.13 -8.20 9.99
CA ARG B 257 29.91 -7.54 10.42
C ARG B 257 29.75 -6.15 9.82
N VAL B 258 30.85 -5.47 9.51
CA VAL B 258 30.77 -4.13 8.95
C VAL B 258 30.09 -4.17 7.59
N GLY B 259 30.55 -5.05 6.70
CA GLY B 259 29.95 -5.13 5.38
C GLY B 259 28.47 -5.42 5.43
N PHE B 260 28.04 -6.21 6.41
CA PHE B 260 26.62 -6.45 6.60
C PHE B 260 25.89 -5.13 6.82
N MET B 261 26.50 -4.23 7.60
CA MET B 261 25.86 -2.94 7.87
C MET B 261 25.86 -2.05 6.63
N GLN B 262 26.97 -2.01 5.87
CA GLN B 262 26.93 -1.26 4.63
C GLN B 262 25.86 -1.79 3.68
N ALA B 263 25.64 -3.11 3.67
CA ALA B 263 24.60 -3.68 2.82
C ALA B 263 23.21 -3.28 3.31
N CYS B 264 22.98 -3.41 4.62
CA CYS B 264 21.64 -3.14 5.16
C CYS B 264 21.29 -1.65 5.09
N GLU B 265 22.28 -0.77 5.17
CA GLU B 265 21.98 0.66 5.16
C GLU B 265 21.27 1.06 3.87
N SER B 266 21.71 0.53 2.74
CA SER B 266 21.07 0.81 1.46
C SER B 266 19.94 -0.15 1.13
N ALA B 267 20.02 -1.40 1.62
CA ALA B 267 18.94 -2.35 1.37
C ALA B 267 17.63 -1.89 1.99
N TYR B 268 17.69 -1.38 3.22
CA TYR B 268 16.55 -0.84 3.92
C TYR B 268 16.65 0.67 3.98
N SER B 269 15.59 1.31 4.46
CA SER B 269 15.55 2.75 4.66
C SER B 269 15.47 3.05 6.15
N SER B 270 16.36 3.90 6.63
CA SER B 270 16.46 4.21 8.05
C SER B 270 15.51 5.34 8.41
N TRP B 271 14.57 5.07 9.30
CA TRP B 271 13.64 6.07 9.79
C TRP B 271 14.24 6.79 10.99
N LYS B 272 13.46 7.70 11.58
CA LYS B 272 13.89 8.45 12.74
C LYS B 272 12.77 8.43 13.76
N PHE B 273 13.14 8.50 15.04
CA PHE B 273 12.17 8.62 16.11
C PHE B 273 12.62 9.73 17.05
N SER B 274 11.67 10.32 17.75
CA SER B 274 11.85 11.61 18.39
C SER B 274 11.93 11.48 19.91
N GLY B 275 12.32 12.57 20.54
CA GLY B 275 12.41 12.63 21.98
C GLY B 275 11.14 13.18 22.61
N GLY B 276 10.80 12.63 23.78
CA GLY B 276 9.59 12.99 24.47
C GLY B 276 8.36 12.25 23.99
N PHE B 277 8.47 11.43 22.95
CA PHE B 277 7.36 10.61 22.46
C PHE B 277 7.75 9.15 22.57
N ARG B 278 6.89 8.36 23.21
CA ARG B 278 7.08 6.91 23.26
C ARG B 278 6.64 6.28 21.94
N THR B 279 7.36 6.64 20.88
CA THR B 279 7.03 6.16 19.55
C THR B 279 6.86 4.64 19.55
N TRP B 280 5.63 4.20 19.27
CA TRP B 280 5.32 2.79 19.19
C TRP B 280 5.45 2.34 17.75
N VAL B 281 6.38 1.43 17.49
CA VAL B 281 6.71 0.99 16.15
C VAL B 281 6.19 -0.43 15.99
N LYS B 282 5.20 -0.60 15.12
CA LYS B 282 4.68 -1.92 14.78
C LYS B 282 5.27 -2.32 13.43
N MET B 283 6.04 -3.40 13.43
CA MET B 283 6.78 -3.82 12.25
C MET B 283 6.00 -4.88 11.47
N SER B 284 6.33 -5.00 10.19
CA SER B 284 5.83 -6.08 9.35
C SER B 284 6.85 -6.35 8.26
N LEU B 285 6.88 -7.59 7.79
CA LEU B 285 7.86 -8.03 6.81
C LEU B 285 7.22 -8.11 5.43
N VAL B 286 7.89 -7.52 4.44
CA VAL B 286 7.49 -7.59 3.05
C VAL B 286 8.60 -8.26 2.27
N LYS B 287 8.32 -9.42 1.70
CA LYS B 287 9.27 -10.19 0.91
C LYS B 287 8.85 -10.09 -0.55
N THR B 288 9.64 -9.40 -1.36
CA THR B 288 9.35 -9.19 -2.76
C THR B 288 10.22 -10.11 -3.61
N LYS B 289 9.58 -10.89 -4.47
CA LYS B 289 10.31 -11.76 -5.39
C LYS B 289 10.72 -10.95 -6.61
N GLU B 290 12.02 -10.96 -6.92
CA GLU B 290 12.56 -10.19 -8.02
C GLU B 290 12.57 -10.95 -9.34
N GLU B 291 12.01 -12.16 -9.37
CA GLU B 291 12.00 -13.01 -10.56
C GLU B 291 13.42 -13.33 -11.03
N ASP B 292 14.41 -13.22 -10.14
CA ASP B 292 15.79 -13.55 -10.43
C ASP B 292 16.33 -14.61 -9.48
N GLY B 293 15.44 -15.38 -8.84
CA GLY B 293 15.86 -16.37 -7.88
C GLY B 293 16.21 -15.84 -6.51
N ARG B 294 16.03 -14.55 -6.28
CA ARG B 294 16.35 -13.91 -5.01
C ARG B 294 15.17 -13.07 -4.56
N GLU B 295 14.90 -13.10 -3.26
CA GLU B 295 13.82 -12.32 -2.66
C GLU B 295 14.41 -11.22 -1.80
N ALA B 296 13.91 -10.00 -1.97
CA ALA B 296 14.34 -8.86 -1.17
C ALA B 296 13.36 -8.67 -0.03
N VAL B 297 13.86 -8.67 1.20
CA VAL B 297 13.04 -8.59 2.41
C VAL B 297 13.24 -7.22 3.01
N GLU B 298 12.14 -6.51 3.26
CA GLU B 298 12.18 -5.17 3.82
C GLU B 298 11.14 -5.06 4.93
N PHE B 299 11.28 -4.00 5.72
CA PHE B 299 10.43 -3.77 6.89
C PHE B 299 9.50 -2.60 6.61
N ARG B 300 8.21 -2.81 6.83
CA ARG B 300 7.22 -1.74 6.83
C ARG B 300 6.80 -1.50 8.26
N GLN B 301 7.06 -0.29 8.75
CA GLN B 301 6.86 0.05 10.16
C GLN B 301 5.82 1.14 10.28
N GLU B 302 4.78 0.88 11.07
CA GLU B 302 3.75 1.87 11.38
C GLU B 302 4.07 2.47 12.74
N THR B 303 4.29 3.78 12.77
CA THR B 303 4.71 4.49 13.96
C THR B 303 3.55 5.29 14.52
N SER B 304 3.27 5.09 15.80
CA SER B 304 2.24 5.84 16.51
C SER B 304 2.90 6.48 17.73
N VAL B 305 3.07 7.80 17.68
CA VAL B 305 3.75 8.53 18.74
C VAL B 305 2.76 8.87 19.84
N VAL B 306 3.24 8.85 21.08
CA VAL B 306 2.44 9.20 22.25
C VAL B 306 3.25 10.15 23.12
N ASN B 307 2.63 11.25 23.52
CA ASN B 307 3.35 12.26 24.28
C ASN B 307 3.78 11.71 25.64
N TYR B 308 4.79 12.36 26.21
CA TYR B 308 5.34 11.98 27.51
C TYR B 308 5.09 13.09 28.52
N ILE B 309 4.77 12.70 29.74
CA ILE B 309 4.44 13.65 30.80
C ILE B 309 5.71 13.97 31.58
N ASP B 310 5.99 15.27 31.72
CA ASP B 310 7.21 15.73 32.38
C ASP B 310 6.90 16.00 33.85
N GLN B 311 7.02 14.95 34.66
CA GLN B 311 6.84 15.04 36.10
C GLN B 311 8.17 15.20 36.85
N ARG B 312 9.27 15.31 36.12
CA ARG B 312 10.59 15.41 36.72
C ARG B 312 10.81 16.81 37.32
N PRO B 313 11.77 16.94 38.23
CA PRO B 313 12.09 18.27 38.77
C PRO B 313 12.55 19.22 37.67
N ALA B 314 12.30 20.51 37.88
CA ALA B 314 12.66 21.51 36.88
C ALA B 314 14.13 21.42 36.51
N ALA B 315 15.00 21.18 37.50
CA ALA B 315 16.43 21.09 37.22
C ALA B 315 16.72 19.96 36.25
N LYS B 316 16.05 18.82 36.41
CA LYS B 316 16.22 17.69 35.51
C LYS B 316 15.61 17.93 34.13
N LYS B 317 14.84 18.99 33.95
CA LYS B 317 14.23 19.25 32.64
C LYS B 317 15.28 19.53 31.57
N SER B 318 16.51 19.85 31.95
CA SER B 318 17.54 20.11 30.95
C SER B 318 17.80 18.88 30.09
N ALA B 319 17.87 17.70 30.71
CA ALA B 319 18.06 16.47 29.96
C ALA B 319 16.77 16.10 29.24
N GLN B 320 16.91 15.60 28.02
CA GLN B 320 15.78 15.22 27.18
C GLN B 320 15.74 13.70 27.06
N LEU B 321 14.62 13.10 27.44
CA LEU B 321 14.46 11.65 27.45
C LEU B 321 13.77 11.18 26.19
N PHE B 322 14.28 10.09 25.61
CA PHE B 322 13.68 9.45 24.46
C PHE B 322 13.13 8.09 24.89
N PHE B 323 11.98 7.72 24.35
CA PHE B 323 11.38 6.42 24.62
C PHE B 323 10.91 5.83 23.30
N VAL B 324 11.14 4.53 23.11
CA VAL B 324 10.69 3.85 21.91
C VAL B 324 10.34 2.40 22.26
N VAL B 325 9.43 1.84 21.49
CA VAL B 325 8.98 0.46 21.66
C VAL B 325 8.97 -0.19 20.28
N PHE B 326 9.53 -1.40 20.18
CA PHE B 326 9.52 -2.16 18.94
C PHE B 326 8.82 -3.48 19.18
N GLU B 327 7.82 -3.78 18.35
CA GLU B 327 7.07 -5.02 18.47
C GLU B 327 6.70 -5.49 17.08
N TRP B 328 5.87 -6.53 17.01
CA TRP B 328 5.41 -7.10 15.76
C TRP B 328 3.92 -6.81 15.58
N LYS B 329 3.56 -6.23 14.44
CA LYS B 329 2.17 -5.85 14.21
C LYS B 329 1.26 -7.07 14.26
N ASP B 330 1.46 -7.99 13.33
CA ASP B 330 0.67 -9.21 13.26
C ASP B 330 1.54 -10.31 12.67
N PRO B 331 1.20 -11.59 12.93
CA PRO B 331 2.01 -12.71 12.44
C PRO B 331 1.73 -13.06 10.97
N PHE B 332 1.65 -12.03 10.13
CA PHE B 332 1.47 -12.18 8.69
C PHE B 332 2.69 -11.61 7.98
N ILE B 333 3.29 -12.39 7.10
CA ILE B 333 4.39 -11.93 6.26
C ILE B 333 3.84 -11.73 4.85
N GLN B 334 4.05 -10.54 4.29
CA GLN B 334 3.46 -10.18 3.00
C GLN B 334 4.43 -10.54 1.89
N LYS B 335 4.10 -11.58 1.12
CA LYS B 335 4.89 -11.98 -0.04
C LYS B 335 4.30 -11.31 -1.28
N VAL B 336 5.12 -10.54 -1.98
CA VAL B 336 4.72 -9.84 -3.19
C VAL B 336 5.53 -10.44 -4.34
N GLN B 337 4.86 -11.13 -5.25
CA GLN B 337 5.50 -11.81 -6.36
C GLN B 337 5.06 -11.18 -7.67
N ASP B 338 6.02 -10.85 -8.53
CA ASP B 338 5.72 -10.28 -9.84
C ASP B 338 5.46 -11.43 -10.79
N ILE B 339 4.19 -11.85 -10.86
CA ILE B 339 3.79 -12.91 -11.78
C ILE B 339 3.91 -12.40 -13.20
N VAL B 340 4.30 -13.28 -14.11
CA VAL B 340 4.42 -12.97 -15.53
C VAL B 340 3.41 -13.84 -16.27
N THR B 341 2.47 -13.21 -16.95
CA THR B 341 1.44 -13.91 -17.70
C THR B 341 1.82 -14.12 -19.17
N ALA B 342 2.95 -13.58 -19.61
CA ALA B 342 3.39 -13.72 -21.00
C ALA B 342 4.13 -15.05 -21.15
N ASN B 343 3.36 -16.13 -21.13
CA ASN B 343 3.93 -17.47 -21.27
C ASN B 343 4.05 -17.81 -22.74
N PRO B 344 5.27 -18.05 -23.26
CA PRO B 344 5.38 -18.34 -24.70
C PRO B 344 4.64 -19.58 -25.14
N TRP B 345 4.58 -20.61 -24.30
CA TRP B 345 3.92 -21.85 -24.69
C TRP B 345 2.42 -21.65 -24.87
N ASN B 346 1.79 -20.88 -23.98
CA ASN B 346 0.37 -20.60 -24.15
C ASN B 346 0.11 -19.84 -25.44
N THR B 347 0.96 -18.86 -25.77
CA THR B 347 0.78 -18.12 -27.01
C THR B 347 0.95 -19.02 -28.22
N ILE B 348 1.96 -19.89 -28.20
CA ILE B 348 2.16 -20.80 -29.32
C ILE B 348 0.97 -21.73 -29.49
N ALA B 349 0.46 -22.27 -28.38
CA ALA B 349 -0.70 -23.15 -28.45
C ALA B 349 -1.92 -22.40 -29.00
N LEU B 350 -2.15 -21.17 -28.53
CA LEU B 350 -3.27 -20.39 -29.02
C LEU B 350 -3.14 -20.14 -30.52
N LEU B 351 -1.94 -19.77 -30.96
CA LEU B 351 -1.74 -19.47 -32.37
C LEU B 351 -1.93 -20.71 -33.22
N CYS B 352 -1.41 -21.86 -32.78
CA CYS B 352 -1.59 -23.09 -33.53
C CYS B 352 -3.07 -23.48 -33.61
N GLY B 353 -3.79 -23.36 -32.50
CA GLY B 353 -5.21 -23.64 -32.53
C GLY B 353 -5.95 -22.74 -33.49
N ALA B 354 -5.65 -21.45 -33.46
CA ALA B 354 -6.31 -20.52 -34.37
C ALA B 354 -5.97 -20.84 -35.82
N PHE B 355 -4.71 -21.18 -36.10
CA PHE B 355 -4.33 -21.50 -37.46
C PHE B 355 -5.07 -22.74 -37.97
N LEU B 356 -5.14 -23.79 -37.14
CA LEU B 356 -5.83 -24.99 -37.56
C LEU B 356 -7.32 -24.71 -37.77
N ALA B 357 -7.93 -23.95 -36.86
CA ALA B 357 -9.35 -23.61 -37.03
C ALA B 357 -9.56 -22.84 -38.31
N LEU B 358 -8.67 -21.89 -38.64
CA LEU B 358 -8.83 -21.12 -39.86
C LEU B 358 -8.65 -21.99 -41.10
N PHE B 359 -7.67 -22.89 -41.08
CA PHE B 359 -7.47 -23.77 -42.23
C PHE B 359 -8.68 -24.66 -42.46
N LYS B 360 -9.23 -25.22 -41.38
CA LYS B 360 -10.40 -26.08 -41.55
C LYS B 360 -11.65 -25.27 -41.91
N ALA B 361 -11.72 -24.00 -41.48
CA ALA B 361 -12.80 -23.16 -41.95
C ALA B 361 -12.69 -22.91 -43.45
N ALA B 362 -11.47 -22.68 -43.93
CA ALA B 362 -11.27 -22.51 -45.37
C ALA B 362 -11.66 -23.78 -46.12
N GLU B 363 -11.29 -24.95 -45.58
CA GLU B 363 -11.65 -26.21 -46.23
C GLU B 363 -13.16 -26.41 -46.22
N PHE B 364 -13.83 -26.07 -45.13
CA PHE B 364 -15.29 -26.15 -45.09
C PHE B 364 -15.91 -25.22 -46.14
N ALA B 365 -15.38 -24.00 -46.26
CA ALA B 365 -15.91 -23.08 -47.26
C ALA B 365 -15.72 -23.62 -48.67
N LYS B 366 -14.55 -24.19 -48.95
CA LYS B 366 -14.30 -24.78 -50.27
C LYS B 366 -15.24 -25.94 -50.54
N LEU B 367 -15.45 -26.79 -49.54
CA LEU B 367 -16.36 -27.92 -49.71
C LEU B 367 -17.79 -27.44 -49.96
N SER B 368 -18.22 -26.42 -49.23
CA SER B 368 -19.56 -25.88 -49.43
C SER B 368 -19.71 -25.27 -50.81
N ILE B 369 -18.68 -24.56 -51.28
CA ILE B 369 -18.73 -23.97 -52.61
C ILE B 369 -18.82 -25.07 -53.67
N LYS B 370 -18.01 -26.12 -53.52
CA LYS B 370 -18.07 -27.23 -54.46
C LYS B 370 -19.45 -27.89 -54.45
N TRP B 371 -20.01 -28.09 -53.25
CA TRP B 371 -21.34 -28.69 -53.16
C TRP B 371 -22.39 -27.84 -53.85
N MET B 372 -22.31 -26.52 -53.66
CA MET B 372 -23.27 -25.63 -54.29
C MET B 372 -23.19 -25.72 -55.81
N ILE B 373 -21.99 -25.78 -56.35
CA ILE B 373 -21.80 -25.89 -57.80
C ILE B 373 -22.38 -27.20 -58.30
N VAL C 106 -27.94 -50.05 -30.18
CA VAL C 106 -27.29 -50.28 -31.46
C VAL C 106 -26.15 -49.29 -31.64
N PHE C 107 -25.25 -49.58 -32.59
CA PHE C 107 -24.08 -48.73 -32.78
C PHE C 107 -24.47 -47.32 -33.17
N SER C 108 -25.46 -47.17 -34.05
CA SER C 108 -25.87 -45.84 -34.50
C SER C 108 -26.40 -45.01 -33.34
N VAL C 109 -27.20 -45.62 -32.45
CA VAL C 109 -27.73 -44.89 -31.31
C VAL C 109 -26.60 -44.47 -30.39
N LEU C 110 -25.62 -45.35 -30.16
CA LEU C 110 -24.49 -44.99 -29.32
C LEU C 110 -23.70 -43.83 -29.91
N LEU C 111 -23.47 -43.87 -31.23
CA LEU C 111 -22.75 -42.77 -31.88
C LEU C 111 -23.53 -41.48 -31.77
N ILE C 112 -24.85 -41.53 -31.95
CA ILE C 112 -25.67 -40.33 -31.84
C ILE C 112 -25.59 -39.76 -30.42
N PHE C 113 -25.67 -40.64 -29.42
CA PHE C 113 -25.58 -40.18 -28.03
C PHE C 113 -24.21 -39.55 -27.76
N ILE C 114 -23.15 -40.15 -28.29
CA ILE C 114 -21.80 -39.61 -28.09
C ILE C 114 -21.69 -38.23 -28.73
N TYR C 115 -22.22 -38.08 -29.95
CA TYR C 115 -22.17 -36.79 -30.60
C TYR C 115 -22.98 -35.74 -29.83
N LEU C 116 -24.14 -36.13 -29.32
CA LEU C 116 -24.93 -35.21 -28.51
C LEU C 116 -24.20 -34.81 -27.24
N LEU C 117 -23.51 -35.76 -26.60
CA LEU C 117 -22.73 -35.44 -25.41
C LEU C 117 -21.61 -34.47 -25.75
N LEU C 118 -20.96 -34.67 -26.89
CA LEU C 118 -19.89 -33.75 -27.30
C LEU C 118 -20.46 -32.36 -27.56
N MET C 119 -21.63 -32.28 -28.19
CA MET C 119 -22.26 -30.98 -28.41
C MET C 119 -22.60 -30.31 -27.10
N ALA C 120 -23.10 -31.06 -26.13
CA ALA C 120 -23.39 -30.49 -24.82
C ALA C 120 -22.12 -29.99 -24.15
N VAL C 121 -21.03 -30.75 -24.27
CA VAL C 121 -19.75 -30.31 -23.71
C VAL C 121 -19.31 -29.02 -24.37
N ALA C 122 -19.50 -28.92 -25.69
CA ALA C 122 -19.14 -27.69 -26.40
C ALA C 122 -19.95 -26.50 -25.89
N VAL C 123 -21.26 -26.70 -25.69
CA VAL C 123 -22.11 -25.62 -25.19
C VAL C 123 -21.66 -25.21 -23.80
N PHE C 124 -21.34 -26.18 -22.94
CA PHE C 124 -20.86 -25.85 -21.60
C PHE C 124 -19.55 -25.09 -21.65
N LEU C 125 -18.64 -25.48 -22.55
CA LEU C 125 -17.39 -24.76 -22.70
C LEU C 125 -17.65 -23.32 -23.15
N VAL C 126 -18.58 -23.14 -24.08
CA VAL C 126 -18.92 -21.78 -24.53
C VAL C 126 -19.45 -20.96 -23.37
N TYR C 127 -20.35 -21.53 -22.58
CA TYR C 127 -20.92 -20.80 -21.45
C TYR C 127 -19.83 -20.42 -20.45
N ARG C 128 -18.93 -21.35 -20.15
CA ARG C 128 -17.85 -21.06 -19.22
C ARG C 128 -16.95 -19.95 -19.74
N THR C 129 -16.61 -20.00 -21.03
CA THR C 129 -15.77 -18.95 -21.60
C THR C 129 -16.46 -17.59 -21.55
N ILE C 130 -17.76 -17.56 -21.86
CA ILE C 130 -18.49 -16.28 -21.82
C ILE C 130 -18.48 -15.71 -20.40
N THR C 131 -18.85 -16.53 -19.41
CA THR C 131 -18.91 -16.01 -18.06
C THR C 131 -17.53 -15.60 -17.55
N ASP C 132 -16.50 -16.37 -17.87
CA ASP C 132 -15.15 -16.02 -17.43
C ASP C 132 -14.68 -14.75 -18.11
N PHE C 133 -15.02 -14.56 -19.38
CA PHE C 133 -14.64 -13.32 -20.07
C PHE C 133 -15.33 -12.12 -19.44
N ARG C 134 -16.63 -12.26 -19.12
CA ARG C 134 -17.32 -11.17 -18.45
C ARG C 134 -16.66 -10.86 -17.11
N GLU C 135 -16.35 -11.89 -16.33
CA GLU C 135 -15.72 -11.67 -15.03
C GLU C 135 -14.38 -10.97 -15.19
N LYS C 136 -13.52 -11.48 -16.08
CA LYS C 136 -12.20 -10.89 -16.25
C LYS C 136 -12.29 -9.45 -16.76
N LEU C 137 -13.30 -9.16 -17.59
CA LEU C 137 -13.49 -7.79 -18.04
C LEU C 137 -13.88 -6.89 -16.87
N LYS C 138 -14.71 -7.39 -15.95
CA LYS C 138 -15.12 -6.58 -14.82
C LYS C 138 -13.97 -6.30 -13.87
N HIS C 139 -13.06 -7.26 -13.69
CA HIS C 139 -11.99 -7.20 -12.69
C HIS C 139 -10.63 -7.19 -13.37
N PRO C 140 -10.11 -6.02 -13.76
CA PRO C 140 -8.73 -5.97 -14.25
C PRO C 140 -7.74 -6.21 -13.13
N VAL C 141 -6.59 -6.78 -13.48
CA VAL C 141 -5.52 -7.03 -12.52
C VAL C 141 -4.67 -5.78 -12.42
N MET C 142 -3.85 -5.71 -11.37
CA MET C 142 -2.98 -4.57 -11.11
C MET C 142 -1.53 -4.98 -11.29
N SER C 143 -0.77 -4.13 -12.01
CA SER C 143 0.64 -4.36 -12.25
C SER C 143 1.41 -3.16 -11.71
N VAL C 144 2.32 -3.43 -10.78
CA VAL C 144 3.12 -2.39 -10.14
C VAL C 144 4.55 -2.53 -10.63
N SER C 145 5.09 -1.44 -11.18
CA SER C 145 6.47 -1.40 -11.63
C SER C 145 7.16 -0.18 -11.03
N TYR C 146 8.47 -0.25 -10.93
CA TYR C 146 9.27 0.84 -10.37
C TYR C 146 10.22 1.34 -11.45
N LYS C 147 10.16 2.65 -11.72
CA LYS C 147 11.00 3.28 -12.72
C LYS C 147 12.12 4.04 -12.03
N GLU C 148 13.36 3.77 -12.43
CA GLU C 148 14.52 4.50 -11.95
C GLU C 148 14.57 5.88 -12.59
N VAL C 149 14.90 6.89 -11.80
CA VAL C 149 15.04 8.26 -12.29
C VAL C 149 16.30 8.86 -11.67
N ASP C 150 17.15 9.45 -12.51
CA ASP C 150 18.36 10.08 -12.01
C ASP C 150 18.08 11.42 -11.35
N ARG C 151 17.09 12.17 -11.86
CA ARG C 151 16.74 13.47 -11.31
C ARG C 151 15.23 13.64 -11.42
N TYR C 152 14.58 13.92 -10.28
CA TYR C 152 13.15 14.17 -10.27
C TYR C 152 12.84 15.56 -10.81
N ASP C 153 11.71 15.67 -11.50
CA ASP C 153 11.22 16.99 -11.90
C ASP C 153 10.94 17.82 -10.66
N ALA C 154 11.33 19.10 -10.72
CA ALA C 154 11.15 19.99 -9.58
C ALA C 154 9.70 19.93 -9.10
N PRO C 155 9.43 19.32 -7.95
CA PRO C 155 8.04 19.17 -7.51
C PRO C 155 7.55 20.42 -6.79
N GLY C 156 6.32 20.83 -7.11
CA GLY C 156 5.77 22.03 -6.52
C GLY C 156 5.15 21.78 -5.16
N ILE C 157 5.60 22.52 -4.15
CA ILE C 157 5.09 22.40 -2.80
C ILE C 157 4.22 23.63 -2.54
N ALA C 158 2.93 23.41 -2.33
CA ALA C 158 1.97 24.49 -2.12
C ALA C 158 1.59 24.52 -0.64
N LEU C 159 2.11 25.51 0.07
CA LEU C 159 1.75 25.73 1.47
C LEU C 159 0.68 26.79 1.57
N TYR C 160 0.02 26.83 2.73
CA TYR C 160 -1.05 27.79 3.01
C TYR C 160 -0.77 28.47 4.35
N PRO C 161 0.32 29.23 4.45
CA PRO C 161 0.70 29.76 5.77
C PRO C 161 -0.38 30.59 6.44
N GLY C 162 -1.12 31.38 5.68
CA GLY C 162 -2.10 32.26 6.28
C GLY C 162 -1.45 33.42 7.00
N GLN C 163 -1.49 33.39 8.33
CA GLN C 163 -0.93 34.45 9.16
C GLN C 163 0.51 34.16 9.60
N ALA C 164 1.11 33.07 9.14
CA ALA C 164 2.46 32.68 9.53
C ALA C 164 3.43 33.04 8.42
N GLN C 165 4.26 34.05 8.67
CA GLN C 165 5.25 34.46 7.69
C GLN C 165 6.31 33.39 7.50
N LEU C 166 6.88 33.34 6.29
CA LEU C 166 7.91 32.37 5.95
C LEU C 166 9.26 32.96 6.35
N LEU C 167 9.71 32.62 7.57
CA LEU C 167 10.96 33.19 8.06
C LEU C 167 12.14 32.80 7.18
N SER C 168 12.22 31.53 6.80
CA SER C 168 13.38 31.05 6.06
C SER C 168 12.97 29.93 5.11
N CYS C 169 13.63 29.90 3.95
CA CYS C 169 13.39 28.86 2.94
C CYS C 169 14.73 28.56 2.29
N LYS C 170 15.42 27.54 2.78
CA LYS C 170 16.77 27.23 2.34
C LYS C 170 16.80 25.87 1.65
N HIS C 171 17.91 25.61 0.96
CA HIS C 171 18.19 24.32 0.36
C HIS C 171 19.38 23.68 1.05
N HIS C 172 19.38 22.35 1.11
CA HIS C 172 20.47 21.64 1.78
C HIS C 172 20.61 20.27 1.14
N TYR C 173 21.73 19.61 1.44
CA TYR C 173 22.08 18.31 0.86
C TYR C 173 22.25 17.29 1.98
N GLU C 174 21.16 16.59 2.30
CA GLU C 174 21.22 15.39 3.13
C GLU C 174 21.43 15.69 4.60
N VAL C 175 21.65 16.95 4.97
CA VAL C 175 21.88 17.31 6.36
C VAL C 175 21.52 18.77 6.54
N ILE C 176 20.80 19.05 7.61
CA ILE C 176 20.37 20.41 7.96
C ILE C 176 21.40 20.98 8.94
N PRO C 177 22.02 22.12 8.63
CA PRO C 177 22.95 22.72 9.59
C PRO C 177 22.19 23.29 10.78
N PRO C 178 22.87 23.55 11.89
CA PRO C 178 22.18 24.08 13.07
C PRO C 178 21.72 25.50 12.84
N LEU C 179 20.61 25.86 13.48
CA LEU C 179 20.02 27.18 13.33
C LEU C 179 20.90 28.21 14.03
N THR C 180 21.35 29.22 13.28
CA THR C 180 22.13 30.29 13.89
C THR C 180 21.31 31.05 14.92
N SER C 181 20.05 31.34 14.60
CA SER C 181 19.15 32.04 15.51
C SER C 181 17.71 31.70 15.17
N PRO C 182 17.12 30.69 15.81
CA PRO C 182 15.73 30.34 15.49
C PRO C 182 14.79 31.51 15.73
N GLY C 183 13.78 31.61 14.87
CA GLY C 183 12.81 32.68 14.98
C GLY C 183 13.22 33.99 14.35
N GLN C 184 14.36 34.03 13.65
CA GLN C 184 14.83 35.23 12.98
C GLN C 184 14.87 35.00 11.47
N PRO C 185 14.24 35.86 10.67
CA PRO C 185 14.18 35.59 9.23
C PRO C 185 15.55 35.70 8.57
N GLY C 186 15.70 34.99 7.47
CA GLY C 186 16.93 35.06 6.68
C GLY C 186 17.11 33.82 5.84
N ASP C 187 18.02 33.94 4.87
CA ASP C 187 18.42 32.82 4.01
C ASP C 187 17.24 32.25 3.23
N MET C 188 16.65 33.11 2.41
CA MET C 188 15.57 32.70 1.50
C MET C 188 16.14 32.32 0.13
N ASN C 189 17.01 31.31 0.15
CA ASN C 189 17.72 30.87 -1.06
C ASN C 189 16.89 29.84 -1.83
N CYS C 190 15.70 30.26 -2.25
CA CYS C 190 14.82 29.38 -3.00
C CYS C 190 13.82 30.23 -3.78
N THR C 191 13.17 29.59 -4.74
CA THR C 191 12.18 30.25 -5.58
C THR C 191 10.80 30.10 -4.94
N THR C 192 10.07 31.21 -4.86
CA THR C 192 8.75 31.21 -4.25
C THR C 192 7.82 32.07 -5.10
N GLN C 193 6.54 31.70 -5.11
CA GLN C 193 5.51 32.44 -5.84
C GLN C 193 4.22 32.44 -5.03
N ARG C 194 3.76 33.62 -4.65
CA ARG C 194 2.48 33.72 -3.96
C ARG C 194 1.35 33.61 -4.96
N ILE C 195 0.14 33.35 -4.45
CA ILE C 195 -1.06 33.32 -5.28
C ILE C 195 -2.27 33.35 -4.36
N ASN C 196 -3.39 33.84 -4.88
CA ASN C 196 -4.66 33.78 -4.18
C ASN C 196 -5.69 33.16 -5.13
N TYR C 197 -6.43 32.16 -4.64
CA TYR C 197 -7.35 31.44 -5.49
C TYR C 197 -8.63 31.11 -4.73
N THR C 198 -9.73 31.02 -5.47
CA THR C 198 -11.02 30.67 -4.89
C THR C 198 -11.12 29.17 -4.70
N ASP C 199 -11.71 28.75 -3.58
CA ASP C 199 -11.87 27.34 -3.31
C ASP C 199 -12.78 26.71 -4.35
N PRO C 200 -12.38 25.60 -4.99
CA PRO C 200 -13.27 24.97 -5.98
C PRO C 200 -14.62 24.57 -5.42
N PHE C 201 -14.68 24.20 -4.13
CA PHE C 201 -15.92 23.70 -3.54
C PHE C 201 -16.79 24.83 -3.01
N SER C 202 -16.27 25.59 -2.04
CA SER C 202 -17.06 26.68 -1.45
C SER C 202 -17.29 27.80 -2.46
N ASN C 203 -16.27 28.17 -3.21
CA ASN C 203 -16.28 29.25 -4.20
C ASN C 203 -16.36 30.63 -3.57
N GLN C 204 -16.47 30.73 -2.24
CA GLN C 204 -16.52 32.01 -1.54
C GLN C 204 -15.23 32.33 -0.82
N THR C 205 -14.76 31.42 0.04
CA THR C 205 -13.50 31.65 0.74
C THR C 205 -12.35 31.66 -0.25
N VAL C 206 -11.42 32.60 -0.05
CA VAL C 206 -10.25 32.76 -0.90
C VAL C 206 -9.03 32.29 -0.11
N LYS C 207 -8.30 31.34 -0.67
CA LYS C 207 -7.11 30.78 -0.03
C LYS C 207 -5.88 31.41 -0.63
N SER C 208 -4.97 31.85 0.24
CA SER C 208 -3.70 32.45 -0.17
C SER C 208 -2.63 31.38 -0.06
N ALA C 209 -2.17 30.88 -1.21
CA ALA C 209 -1.21 29.80 -1.28
C ALA C 209 0.17 30.34 -1.66
N LEU C 210 1.19 29.58 -1.28
CA LEU C 210 2.59 29.88 -1.59
C LEU C 210 3.19 28.65 -2.25
N ILE C 211 3.68 28.79 -3.47
CA ILE C 211 4.28 27.71 -4.22
C ILE C 211 5.79 27.81 -4.12
N VAL C 212 6.43 26.72 -3.75
CA VAL C 212 7.88 26.65 -3.58
C VAL C 212 8.41 25.52 -4.44
N GLN C 213 9.55 25.75 -5.08
CA GLN C 213 10.22 24.70 -5.84
C GLN C 213 10.75 23.65 -4.88
N GLY C 214 10.45 22.39 -5.18
CA GLY C 214 10.90 21.30 -4.35
C GLY C 214 12.34 20.93 -4.65
N PRO C 215 12.78 19.77 -4.17
CA PRO C 215 14.15 19.34 -4.43
C PRO C 215 14.27 18.59 -5.75
N ARG C 216 15.20 19.01 -6.61
CA ARG C 216 15.41 18.36 -7.89
C ARG C 216 16.34 17.16 -7.76
N GLU C 217 17.57 17.39 -7.29
CA GLU C 217 18.51 16.31 -7.09
C GLU C 217 17.95 15.32 -6.07
N VAL C 218 17.97 14.03 -6.42
CA VAL C 218 17.53 12.98 -5.52
C VAL C 218 18.69 12.07 -5.12
N LYS C 219 19.60 11.79 -6.06
CA LYS C 219 20.78 11.00 -5.73
C LYS C 219 21.63 11.68 -4.66
N LYS C 220 21.62 13.01 -4.63
CA LYS C 220 22.36 13.78 -3.64
C LYS C 220 21.52 14.10 -2.41
N ARG C 221 20.26 13.64 -2.36
CA ARG C 221 19.39 13.86 -1.20
C ARG C 221 19.17 15.35 -0.97
N GLU C 222 18.94 16.11 -2.04
CA GLU C 222 18.64 17.52 -1.89
C GLU C 222 17.28 17.70 -1.23
N LEU C 223 17.18 18.70 -0.36
CA LEU C 223 15.97 18.92 0.41
C LEU C 223 15.79 20.42 0.65
N VAL C 224 14.53 20.81 0.86
CA VAL C 224 14.17 22.20 1.11
C VAL C 224 13.68 22.31 2.55
N PHE C 225 14.24 23.27 3.28
CA PHE C 225 13.98 23.48 4.69
C PHE C 225 13.21 24.79 4.85
N LEU C 226 11.99 24.70 5.39
CA LEU C 226 11.11 25.85 5.54
C LEU C 226 10.86 26.10 7.02
N GLN C 227 11.22 27.29 7.49
CA GLN C 227 10.92 27.74 8.85
C GLN C 227 9.92 28.88 8.77
N PHE C 228 8.73 28.66 9.30
CA PHE C 228 7.72 29.69 9.42
C PHE C 228 7.78 30.30 10.82
N ARG C 229 6.78 31.12 11.15
CA ARG C 229 6.66 31.66 12.49
C ARG C 229 5.26 32.22 12.66
N LEU C 230 4.71 32.09 13.86
CA LEU C 230 3.39 32.62 14.19
C LEU C 230 3.47 33.30 15.54
N ASN C 231 2.93 34.51 15.63
CA ASN C 231 3.01 35.32 16.83
C ASN C 231 1.62 35.60 17.36
N LYS C 232 1.40 35.30 18.64
CA LYS C 232 0.14 35.59 19.32
C LYS C 232 -1.04 35.06 18.52
N SER C 233 -0.97 33.77 18.19
CA SER C 233 -2.03 33.12 17.44
C SER C 233 -3.32 33.12 18.23
N SER C 234 -4.42 33.53 17.60
CA SER C 234 -5.72 33.54 18.24
C SER C 234 -6.45 32.21 18.11
N GLU C 235 -5.95 31.28 17.32
CA GLU C 235 -6.57 29.98 17.12
C GLU C 235 -5.71 28.89 17.72
N ASP C 236 -6.36 27.96 18.43
CA ASP C 236 -5.66 26.82 18.99
C ASP C 236 -5.41 25.76 17.93
N PHE C 237 -4.56 24.81 18.26
CA PHE C 237 -4.20 23.72 17.35
C PHE C 237 -3.54 24.27 16.08
N SER C 238 -2.48 25.05 16.28
CA SER C 238 -1.82 25.72 15.18
C SER C 238 -1.18 24.71 14.24
N ALA C 239 -1.38 24.92 12.94
CA ALA C 239 -0.77 24.08 11.92
C ALA C 239 -0.94 24.75 10.57
N ILE C 240 -0.12 24.31 9.61
CA ILE C 240 -0.16 24.83 8.25
C ILE C 240 -0.49 23.68 7.30
N ASP C 241 -1.45 23.90 6.42
CA ASP C 241 -1.74 22.94 5.38
C ASP C 241 -0.64 22.94 4.34
N TYR C 242 -0.59 21.88 3.55
CA TYR C 242 0.33 21.85 2.42
C TYR C 242 -0.10 20.76 1.46
N LEU C 243 0.41 20.85 0.24
CA LEU C 243 0.02 19.96 -0.85
C LEU C 243 1.17 19.88 -1.84
N LEU C 244 1.13 18.89 -2.71
CA LEU C 244 2.18 18.67 -3.70
C LEU C 244 1.58 18.51 -5.08
N PHE C 245 2.24 19.07 -6.09
CA PHE C 245 1.88 18.81 -7.47
C PHE C 245 3.14 18.60 -8.29
N SER C 246 2.93 18.09 -9.51
CA SER C 246 3.99 17.39 -10.23
C SER C 246 5.20 18.29 -10.48
N SER C 247 4.98 19.46 -11.06
CA SER C 247 6.09 20.30 -11.52
C SER C 247 5.79 21.77 -11.25
N PHE C 248 6.75 22.44 -10.61
CA PHE C 248 6.61 23.88 -10.42
C PHE C 248 6.75 24.64 -11.72
N GLN C 249 7.46 24.05 -12.70
CA GLN C 249 7.58 24.68 -14.01
C GLN C 249 6.21 24.80 -14.69
N GLU C 250 5.36 23.80 -14.51
CA GLU C 250 4.01 23.87 -15.08
C GLU C 250 3.25 25.06 -14.48
N PHE C 251 3.36 25.25 -13.18
CA PHE C 251 2.74 26.42 -12.55
C PHE C 251 3.36 27.71 -13.05
N LEU C 252 4.66 27.69 -13.35
CA LEU C 252 5.33 28.89 -13.86
C LEU C 252 4.80 29.28 -15.24
N GLN C 253 4.76 28.32 -16.16
CA GLN C 253 4.50 28.60 -17.56
C GLN C 253 3.05 28.42 -17.97
N SER C 254 2.17 28.03 -17.05
CA SER C 254 0.79 27.82 -17.42
C SER C 254 0.16 29.14 -17.87
N PRO C 255 -0.81 29.09 -18.81
CA PRO C 255 -1.47 30.34 -19.21
C PRO C 255 -2.24 30.99 -18.07
N ASN C 256 -3.09 30.24 -17.39
CA ASN C 256 -3.77 30.69 -16.20
C ASN C 256 -3.30 29.85 -15.02
N ARG C 257 -2.78 30.52 -13.99
CA ARG C 257 -2.24 29.83 -12.83
C ARG C 257 -3.31 29.47 -11.80
N VAL C 258 -4.38 30.25 -11.72
CA VAL C 258 -5.43 29.98 -10.74
C VAL C 258 -6.10 28.64 -11.04
N GLY C 259 -6.52 28.45 -12.29
CA GLY C 259 -7.17 27.20 -12.66
C GLY C 259 -6.29 25.99 -12.39
N PHE C 260 -4.98 26.15 -12.52
CA PHE C 260 -4.07 25.07 -12.16
C PHE C 260 -4.26 24.70 -10.70
N MET C 261 -4.42 25.69 -9.82
CA MET C 261 -4.61 25.40 -8.41
C MET C 261 -5.98 24.78 -8.14
N GLN C 262 -7.04 25.28 -8.79
CA GLN C 262 -8.33 24.61 -8.61
C GLN C 262 -8.27 23.16 -9.08
N ALA C 263 -7.48 22.86 -10.11
CA ALA C 263 -7.34 21.48 -10.55
C ALA C 263 -6.56 20.65 -9.54
N CYS C 264 -5.43 21.18 -9.06
CA CYS C 264 -4.56 20.42 -8.16
C CYS C 264 -5.21 20.20 -6.80
N GLU C 265 -6.05 21.13 -6.34
CA GLU C 265 -6.64 20.98 -5.02
C GLU C 265 -7.46 19.70 -4.92
N SER C 266 -8.20 19.36 -5.97
CA SER C 266 -8.99 18.14 -5.99
C SER C 266 -8.22 16.96 -6.56
N ALA C 267 -7.28 17.20 -7.48
CA ALA C 267 -6.48 16.11 -8.03
C ALA C 267 -5.65 15.44 -6.94
N TYR C 268 -5.04 16.23 -6.07
CA TYR C 268 -4.26 15.73 -4.94
C TYR C 268 -5.03 15.96 -3.65
N SER C 269 -4.49 15.43 -2.56
CA SER C 269 -5.05 15.61 -1.22
C SER C 269 -4.07 16.41 -0.39
N SER C 270 -4.56 17.46 0.26
CA SER C 270 -3.72 18.38 1.02
C SER C 270 -3.61 17.90 2.46
N TRP C 271 -2.38 17.63 2.90
CA TRP C 271 -2.12 17.22 4.26
C TRP C 271 -1.87 18.45 5.13
N LYS C 272 -1.55 18.21 6.40
CA LYS C 272 -1.27 19.28 7.34
C LYS C 272 0.01 18.95 8.09
N PHE C 273 0.74 19.99 8.49
CA PHE C 273 1.93 19.80 9.31
C PHE C 273 1.90 20.82 10.44
N SER C 274 2.39 20.41 11.59
CA SER C 274 2.11 21.07 12.86
C SER C 274 3.29 21.90 13.34
N GLY C 275 3.08 22.58 14.45
CA GLY C 275 4.09 23.45 15.02
C GLY C 275 4.90 22.77 16.12
N GLY C 276 6.15 23.20 16.26
CA GLY C 276 7.04 22.62 17.21
C GLY C 276 7.65 21.31 16.78
N PHE C 277 7.26 20.78 15.63
CA PHE C 277 7.80 19.53 15.10
C PHE C 277 8.45 19.82 13.76
N ARG C 278 9.70 19.41 13.60
CA ARG C 278 10.39 19.50 12.31
C ARG C 278 9.93 18.36 11.41
N THR C 279 8.64 18.38 11.09
CA THR C 279 8.04 17.33 10.29
C THR C 279 8.87 17.06 9.04
N TRP C 280 9.42 15.85 8.96
CA TRP C 280 10.22 15.45 7.82
C TRP C 280 9.32 14.71 6.83
N VAL C 281 9.17 15.26 5.63
CA VAL C 281 8.25 14.75 4.62
C VAL C 281 9.10 14.11 3.53
N LYS C 282 9.00 12.79 3.39
CA LYS C 282 9.65 12.07 2.31
C LYS C 282 8.62 11.76 1.24
N MET C 283 8.81 12.30 0.06
CA MET C 283 7.82 12.20 -1.02
C MET C 283 8.15 11.04 -1.95
N SER C 284 7.11 10.57 -2.63
CA SER C 284 7.27 9.60 -3.71
C SER C 284 6.13 9.81 -4.70
N LEU C 285 6.38 9.44 -5.95
CA LEU C 285 5.43 9.67 -7.03
C LEU C 285 4.76 8.35 -7.41
N VAL C 286 3.44 8.39 -7.49
CA VAL C 286 2.64 7.25 -7.94
C VAL C 286 1.90 7.68 -9.20
N LYS C 287 2.19 7.01 -10.31
CA LYS C 287 1.56 7.30 -11.60
C LYS C 287 0.64 6.13 -11.93
N THR C 288 -0.67 6.38 -11.90
CA THR C 288 -1.67 5.36 -12.16
C THR C 288 -2.22 5.53 -13.57
N LYS C 289 -2.15 4.46 -14.35
CA LYS C 289 -2.72 4.47 -15.70
C LYS C 289 -4.21 4.18 -15.61
N GLU C 290 -5.02 5.06 -16.17
CA GLU C 290 -6.47 4.96 -16.11
C GLU C 290 -7.05 4.15 -17.26
N GLU C 291 -6.22 3.58 -18.13
CA GLU C 291 -6.66 2.84 -19.29
C GLU C 291 -7.48 3.70 -20.24
N ASP C 292 -7.33 5.02 -20.15
CA ASP C 292 -8.01 5.97 -21.03
C ASP C 292 -7.03 6.87 -21.77
N GLY C 293 -5.77 6.45 -21.87
CA GLY C 293 -4.75 7.25 -22.50
C GLY C 293 -4.19 8.35 -21.64
N ARG C 294 -4.58 8.44 -20.38
CA ARG C 294 -4.12 9.47 -19.47
C ARG C 294 -3.68 8.83 -18.17
N GLU C 295 -2.58 9.35 -17.60
CA GLU C 295 -2.05 8.86 -16.34
C GLU C 295 -2.25 9.92 -15.26
N ALA C 296 -2.75 9.50 -14.12
CA ALA C 296 -2.94 10.38 -12.98
C ALA C 296 -1.75 10.24 -12.04
N VAL C 297 -1.09 11.36 -11.75
CA VAL C 297 0.12 11.37 -10.94
C VAL C 297 -0.22 12.00 -9.60
N GLU C 298 0.09 11.27 -8.53
CA GLU C 298 -0.19 11.72 -7.17
C GLU C 298 1.05 11.51 -6.30
N PHE C 299 1.04 12.15 -5.14
CA PHE C 299 2.16 12.13 -4.22
C PHE C 299 1.81 11.30 -3.00
N ARG C 300 2.68 10.36 -2.65
CA ARG C 300 2.60 9.62 -1.40
C ARG C 300 3.73 10.11 -0.51
N GLN C 301 3.36 10.70 0.64
CA GLN C 301 4.32 11.36 1.51
C GLN C 301 4.32 10.67 2.87
N GLU C 302 5.51 10.23 3.29
CA GLU C 302 5.71 9.65 4.60
C GLU C 302 6.25 10.73 5.52
N THR C 303 5.52 10.99 6.60
CA THR C 303 5.85 12.09 7.51
C THR C 303 6.40 11.52 8.82
N SER C 304 7.56 12.02 9.23
CA SER C 304 8.18 11.66 10.50
C SER C 304 8.43 12.94 11.28
N VAL C 305 7.64 13.15 12.33
CA VAL C 305 7.74 14.37 13.12
C VAL C 305 8.82 14.22 14.17
N VAL C 306 9.53 15.31 14.44
CA VAL C 306 10.59 15.33 15.44
C VAL C 306 10.40 16.56 16.31
N ASN C 307 10.42 16.38 17.62
CA ASN C 307 10.14 17.47 18.54
C ASN C 307 11.20 18.56 18.43
N TYR C 308 10.83 19.76 18.84
CA TYR C 308 11.71 20.92 18.82
C TYR C 308 12.00 21.38 20.25
N ILE C 309 13.24 21.79 20.49
CA ILE C 309 13.69 22.19 21.82
C ILE C 309 13.51 23.69 21.96
N ASP C 310 12.80 24.11 23.00
CA ASP C 310 12.51 25.53 23.24
C ASP C 310 13.60 26.11 24.12
N GLN C 311 14.66 26.61 23.49
CA GLN C 311 15.75 27.30 24.18
C GLN C 311 15.60 28.81 24.13
N ARG C 312 14.50 29.32 23.60
CA ARG C 312 14.29 30.75 23.47
C ARG C 312 13.92 31.36 24.81
N PRO C 313 14.07 32.69 24.94
CA PRO C 313 13.64 33.34 26.18
C PRO C 313 12.15 33.18 26.41
N ALA C 314 11.76 33.18 27.69
CA ALA C 314 10.36 32.97 28.05
C ALA C 314 9.46 33.96 27.30
N ALA C 315 9.89 35.22 27.18
CA ALA C 315 9.08 36.21 26.50
C ALA C 315 8.81 35.79 25.05
N LYS C 316 9.82 35.25 24.37
CA LYS C 316 9.65 34.79 23.00
C LYS C 316 8.82 33.52 22.89
N LYS C 317 8.50 32.87 24.02
CA LYS C 317 7.70 31.65 23.96
C LYS C 317 6.30 31.89 23.43
N SER C 318 5.83 33.14 23.43
CA SER C 318 4.48 33.43 22.95
C SER C 318 4.34 33.05 21.48
N ALA C 319 5.33 33.39 20.66
CA ALA C 319 5.27 33.05 19.24
C ALA C 319 5.53 31.55 19.05
N GLN C 320 4.82 30.97 18.09
CA GLN C 320 4.96 29.56 17.76
C GLN C 320 5.74 29.41 16.47
N LEU C 321 6.77 28.59 16.48
CA LEU C 321 7.63 28.37 15.33
C LEU C 321 7.26 27.06 14.64
N PHE C 322 7.21 27.08 13.32
CA PHE C 322 6.90 25.90 12.53
C PHE C 322 8.14 25.55 11.71
N PHE C 323 8.46 24.26 11.63
CA PHE C 323 9.59 23.80 10.84
C PHE C 323 9.16 22.60 10.01
N VAL C 324 9.49 22.61 8.74
CA VAL C 324 9.17 21.49 7.86
C VAL C 324 10.32 21.28 6.87
N VAL C 325 10.44 20.04 6.40
CA VAL C 325 11.48 19.67 5.44
C VAL C 325 10.82 18.82 4.36
N PHE C 326 11.12 19.13 3.11
CA PHE C 326 10.62 18.36 1.98
C PHE C 326 11.79 17.81 1.18
N GLU C 327 11.79 16.50 0.96
CA GLU C 327 12.85 15.84 0.20
C GLU C 327 12.24 14.72 -0.62
N TRP C 328 13.10 13.92 -1.24
CA TRP C 328 12.68 12.79 -2.06
C TRP C 328 13.09 11.49 -1.39
N LYS C 329 12.14 10.58 -1.22
CA LYS C 329 12.41 9.33 -0.52
C LYS C 329 13.49 8.52 -1.23
N ASP C 330 13.19 8.08 -2.45
CA ASP C 330 14.15 7.30 -3.23
C ASP C 330 13.89 7.58 -4.70
N PRO C 331 14.91 7.37 -5.58
CA PRO C 331 14.75 7.58 -7.02
C PRO C 331 13.88 6.54 -7.74
N PHE C 332 12.76 6.19 -7.12
CA PHE C 332 11.85 5.18 -7.66
C PHE C 332 10.48 5.80 -7.85
N ILE C 333 9.95 5.74 -9.07
CA ILE C 333 8.59 6.18 -9.36
C ILE C 333 7.71 4.95 -9.52
N GLN C 334 6.59 4.90 -8.81
CA GLN C 334 5.74 3.71 -8.80
C GLN C 334 4.67 3.85 -9.87
N LYS C 335 4.79 3.08 -10.94
CA LYS C 335 3.78 3.04 -11.99
C LYS C 335 2.80 1.90 -11.70
N VAL C 336 1.52 2.24 -11.59
CA VAL C 336 0.47 1.28 -11.31
C VAL C 336 -0.44 1.25 -12.53
N GLN C 337 -0.43 0.12 -13.24
CA GLN C 337 -1.20 -0.02 -14.46
C GLN C 337 -2.27 -1.09 -14.26
N ASP C 338 -3.52 -0.74 -14.61
CA ASP C 338 -4.63 -1.69 -14.52
C ASP C 338 -4.63 -2.54 -15.78
N ILE C 339 -3.88 -3.65 -15.72
CA ILE C 339 -3.83 -4.58 -16.84
C ILE C 339 -5.19 -5.25 -16.99
N VAL C 340 -5.60 -5.51 -18.24
CA VAL C 340 -6.84 -6.19 -18.54
C VAL C 340 -6.49 -7.50 -19.23
N THR C 341 -6.88 -8.61 -18.61
CA THR C 341 -6.61 -9.94 -19.14
C THR C 341 -7.76 -10.48 -19.99
N ALA C 342 -8.86 -9.75 -20.09
CA ALA C 342 -10.02 -10.18 -20.88
C ALA C 342 -9.79 -9.77 -22.33
N ASN C 343 -8.90 -10.49 -23.00
CA ASN C 343 -8.58 -10.21 -24.40
C ASN C 343 -9.54 -10.97 -25.30
N PRO C 344 -10.36 -10.29 -26.12
CA PRO C 344 -11.32 -11.03 -26.94
C PRO C 344 -10.66 -12.01 -27.91
N TRP C 345 -9.50 -11.65 -28.46
CA TRP C 345 -8.87 -12.51 -29.45
C TRP C 345 -8.41 -13.83 -28.83
N ASN C 346 -7.87 -13.79 -27.61
CA ASN C 346 -7.48 -15.02 -26.93
C ASN C 346 -8.70 -15.91 -26.68
N THR C 347 -9.81 -15.31 -26.27
CA THR C 347 -11.02 -16.11 -26.03
C THR C 347 -11.53 -16.72 -27.33
N ILE C 348 -11.53 -15.96 -28.42
CA ILE C 348 -11.99 -16.50 -29.70
C ILE C 348 -11.09 -17.64 -30.14
N ALA C 349 -9.78 -17.48 -30.00
CA ALA C 349 -8.86 -18.55 -30.39
C ALA C 349 -9.08 -19.78 -29.54
N LEU C 350 -9.25 -19.61 -28.23
CA LEU C 350 -9.49 -20.75 -27.35
C LEU C 350 -10.77 -21.47 -27.75
N LEU C 351 -11.84 -20.70 -28.01
CA LEU C 351 -13.11 -21.31 -28.36
C LEU C 351 -13.02 -22.06 -29.70
N CYS C 352 -12.34 -21.46 -30.68
CA CYS C 352 -12.19 -22.14 -31.97
C CYS C 352 -11.38 -23.42 -31.83
N GLY C 353 -10.30 -23.38 -31.06
CA GLY C 353 -9.52 -24.58 -30.83
C GLY C 353 -10.34 -25.67 -30.15
N ALA C 354 -11.11 -25.30 -29.13
CA ALA C 354 -11.95 -26.28 -28.45
C ALA C 354 -12.99 -26.85 -29.39
N PHE C 355 -13.60 -26.01 -30.23
CA PHE C 355 -14.61 -26.50 -31.16
C PHE C 355 -14.01 -27.48 -32.16
N LEU C 356 -12.84 -27.14 -32.72
CA LEU C 356 -12.19 -28.07 -33.65
C LEU C 356 -11.83 -29.37 -32.97
N ALA C 357 -11.29 -29.31 -31.76
CA ALA C 357 -10.96 -30.53 -31.04
C ALA C 357 -12.19 -31.38 -30.80
N LEU C 358 -13.30 -30.75 -30.43
CA LEU C 358 -14.53 -31.50 -30.17
C LEU C 358 -15.07 -32.12 -31.46
N PHE C 359 -15.04 -31.38 -32.56
CA PHE C 359 -15.51 -31.94 -33.83
C PHE C 359 -14.67 -33.14 -34.24
N LYS C 360 -13.35 -33.03 -34.11
CA LYS C 360 -12.50 -34.16 -34.48
C LYS C 360 -12.64 -35.31 -33.51
N ALA C 361 -12.94 -35.04 -32.24
CA ALA C 361 -13.24 -36.12 -31.31
C ALA C 361 -14.51 -36.85 -31.71
N ALA C 362 -15.54 -36.11 -32.13
CA ALA C 362 -16.76 -36.73 -32.60
C ALA C 362 -16.50 -37.58 -33.84
N GLU C 363 -15.67 -37.07 -34.76
CA GLU C 363 -15.35 -37.83 -35.96
C GLU C 363 -14.56 -39.08 -35.63
N PHE C 364 -13.62 -38.99 -34.68
CA PHE C 364 -12.89 -40.17 -34.24
C PHE C 364 -13.84 -41.20 -33.62
N ALA C 365 -14.79 -40.74 -32.81
CA ALA C 365 -15.75 -41.65 -32.21
C ALA C 365 -16.59 -42.33 -33.27
N LYS C 366 -17.05 -41.58 -34.28
CA LYS C 366 -17.83 -42.17 -35.35
C LYS C 366 -17.00 -43.19 -36.13
N LEU C 367 -15.75 -42.87 -36.42
CA LEU C 367 -14.89 -43.80 -37.14
C LEU C 367 -14.67 -45.08 -36.33
N SER C 368 -14.44 -44.93 -35.02
CA SER C 368 -14.25 -46.11 -34.17
C SER C 368 -15.51 -46.96 -34.12
N ILE C 369 -16.68 -46.32 -34.03
CA ILE C 369 -17.94 -47.07 -34.02
C ILE C 369 -18.11 -47.83 -35.33
N LYS C 370 -17.83 -47.17 -36.45
CA LYS C 370 -17.93 -47.84 -37.75
C LYS C 370 -16.97 -49.02 -37.83
N TRP C 371 -15.74 -48.82 -37.35
CA TRP C 371 -14.76 -49.91 -37.38
C TRP C 371 -15.20 -51.08 -36.53
N MET C 372 -15.78 -50.81 -35.36
CA MET C 372 -16.26 -51.89 -34.50
C MET C 372 -17.36 -52.69 -35.19
N ILE C 373 -18.27 -52.00 -35.86
CA ILE C 373 -19.37 -52.67 -36.57
C ILE C 373 -18.81 -53.54 -37.68
C1 DXC D . -4.93 -31.07 -18.23
C2 DXC D . -4.63 -32.20 -17.18
C3 DXC D . -4.49 -31.76 -15.74
C4 DXC D . -5.34 -30.52 -15.37
C5 DXC D . -5.13 -29.35 -16.33
C6 DXC D . -5.50 -29.68 -17.75
C7 DXC D . -2.89 -31.46 -15.44
C8 DXC D . -2.64 -31.14 -13.91
C9 DXC D . -3.93 -30.99 -13.15
C10 DXC D . -4.96 -29.95 -13.96
C11 DXC D . -3.63 -30.58 -11.71
C12 DXC D . -4.81 -29.98 -10.91
C13 DXC D . -5.63 -28.97 -11.68
C14 DXC D . -6.14 -29.61 -13.15
C15 DXC D . -2.97 -31.65 -10.70
C16 DXC D . -3.20 -31.10 -9.25
C17 DXC D . -3.97 -29.63 -9.53
C18 DXC D . -6.84 -30.96 -15.45
C19 DXC D . -4.70 -29.12 -8.44
O1 DXC D . -4.89 -27.90 -11.92
O2 DXC D . -3.94 -30.96 -19.26
C20 DXC D . -5.78 -31.20 -10.71
C21 DXC D . -6.26 -29.53 -8.25
C22 DXC D . -6.54 -30.95 -7.59
C23 DXC D . -7.78 -31.64 -8.20
O3 DXC D . -8.80 -30.96 -8.50
O4 DXC D . -7.76 -32.88 -8.41
C24 DXC D . -3.94 -29.52 -7.08
H1 DXC D . -4.10 -30.65 -17.68
H22 DXC D . -5.44 -32.91 -17.22
H21 DXC D . -3.71 -32.70 -17.46
H3 DXC D . -4.81 -32.59 -15.11
H52 DXC D . -5.76 -28.53 -15.99
H51 DXC D . -4.10 -29.05 -16.29
H62 DXC D . -6.58 -29.70 -17.84
H61 DXC D . -5.11 -28.90 -18.39
H72 DXC D . -2.31 -32.35 -15.71
H71 DXC D . -2.58 -30.62 -16.04
H82 DXC D . -2.08 -30.19 -13.84
H81 DXC D . -2.05 -31.93 -13.46
H9 DXC D . -4.39 -31.96 -13.12
H10 DXC D . -4.40 -29.03 -14.13
H11 DXC D . -2.90 -29.77 -11.79
H13 DXC D . -6.49 -28.69 -11.09
H142 DXC D . -6.73 -28.83 -13.68
H141 DXC D . -6.75 -30.48 -12.95
H152 DXC D . -1.91 -31.71 -10.89
H151 DXC D . -3.46 -32.62 -10.82
H162 DXC D . -2.25 -30.93 -8.74
H161 DXC D . -3.83 -31.78 -8.68
H17 DXC D . -3.20 -28.89 -9.79
H183 DXC D . -7.49 -30.08 -15.35
H182 DXC D . -7.05 -31.68 -14.66
H181 DXC D . -7.04 -31.44 -16.41
H19 DXC D . -4.68 -28.04 -8.52
H1O1 DXC D . -4.54 -27.57 -11.09
H2 DXC D . -3.60 -31.80 -19.44
H203 DXC D . -6.79 -30.85 -10.69
H202 DXC D . -5.55 -31.76 -9.80
H201 DXC D . -5.69 -31.90 -11.55
H212 DXC D . -6.79 -29.45 -9.19
H211 DXC D . -6.70 -28.80 -7.57
H222 DXC D . -6.70 -30.80 -6.52
H221 DXC D . -5.67 -31.60 -7.73
H243 DXC D . -2.89 -29.29 -7.20
H242 DXC D . -4.35 -28.94 -6.26
H241 DXC D . -4.06 -30.58 -6.87
C1 DXC E . 4.57 -16.85 -31.89
C2 DXC E . 5.77 -16.09 -32.58
C3 DXC E . 6.53 -15.13 -31.70
C4 DXC E . 6.57 -15.51 -30.21
C5 DXC E . 5.18 -15.79 -29.63
C6 DXC E . 4.47 -16.93 -30.33
C7 DXC E . 5.88 -13.62 -31.89
C8 DXC E . 6.71 -12.52 -31.11
C9 DXC E . 7.79 -13.14 -30.26
C10 DXC E . 7.15 -14.37 -29.31
C11 DXC E . 8.50 -12.04 -29.46
C12 DXC E . 9.32 -12.51 -28.24
C13 DXC E . 8.62 -13.54 -27.37
C14 DXC E . 8.10 -14.84 -28.30
C15 DXC E . 9.47 -11.01 -30.23
C16 DXC E . 10.37 -10.35 -29.13
C17 DXC E . 9.77 -11.02 -27.70
C18 DXC E . 7.42 -16.82 -30.10
C19 DXC E . 10.65 -10.96 -26.60
O1 DXC E . 7.57 -12.98 -26.80
O2 DXC E . 3.30 -16.60 -32.53
C20 DXC E . 10.52 -13.29 -28.88
C21 DXC E . 11.71 -12.16 -26.36
C22 DXC E . 13.03 -12.12 -27.23
C23 DXC E . 13.50 -13.54 -27.62
O3 DXC E . 13.40 -14.50 -26.80
O4 DXC E . 13.97 -13.75 -28.78
C24 DXC E . 11.49 -9.60 -26.70
H1 DXC E . 4.38 -15.82 -31.61
H22 DXC E . 6.47 -16.83 -32.93
H21 DXC E . 5.40 -15.54 -33.43
H3 DXC E . 7.56 -15.10 -32.07
H52 DXC E . 5.30 -16.06 -28.58
H51 DXC E . 4.58 -14.90 -29.71
H62 DXC E . 4.92 -17.87 -30.00
H61 DXC E . 3.44 -16.91 -30.03
H72 DXC E . 5.86 -13.37 -32.95
H71 DXC E . 4.85 -13.63 -31.49
H82 DXC E . 6.04 -11.95 -30.46
H81 DXC E . 7.18 -11.86 -31.82
H9 DXC E . 8.52 -13.57 -30.93
H10 DXC E . 6.29 -13.93 -28.78
H11 DXC E . 7.69 -11.42 -29.06
H13 DXC E . 9.30 -13.89 -26.62
H142 DXC E . 7.59 -15.57 -27.64
H141 DXC E . 8.97 -15.30 -28.77
H152 DXC E . 8.88 -10.26 -30.72
H151 DXC E . 10.10 -11.56 -30.94
H162 DXC E . 10.22 -9.27 -29.12
H161 DXC E . 11.42 -10.59 -29.28
H17 DXC E . 8.86 -10.47 -27.44
H183 DXC E . 7.34 -17.23 -29.09
H182 DXC E . 8.46 -16.60 -30.34
H181 DXC E . 7.04 -17.57 -30.81
H19 DXC E . 10.04 -10.90 -25.72
H1O1 DXC E . 7.84 -12.20 -26.33
H2 DXC E . 3.43 -16.50 -33.44
H203 DXC E . 10.83 -14.08 -28.22
H202 DXC E . 11.37 -12.64 -29.09
H201 DXC E . 10.22 -13.75 -29.83
H212 DXC E . 11.22 -13.13 -26.45
H211 DXC E . 12.03 -12.08 -25.31
H222 DXC E . 13.82 -11.64 -26.64
H221 DXC E . 12.86 -11.55 -28.14
H243 DXC E . 10.82 -8.78 -26.90
H242 DXC E . 12.00 -9.43 -25.75
H241 DXC E . 12.24 -9.65 -27.49
C1 DXC F . -16.96 -15.66 -28.10
C2 DXC F . -18.39 -15.00 -28.11
C3 DXC F . -18.58 -13.79 -27.22
C4 DXC F . -17.31 -12.95 -26.99
C5 DXC F . -16.11 -13.78 -26.55
C6 DXC F . -15.73 -14.85 -27.54
C7 DXC F . -19.18 -14.32 -25.77
C8 DXC F . -19.55 -13.11 -24.82
C9 DXC F . -19.11 -11.79 -25.39
C10 DXC F . -17.50 -11.89 -25.88
C11 DXC F . -19.40 -10.67 -24.40
C12 DXC F . -18.64 -9.34 -24.62
C13 DXC F . -17.18 -9.51 -24.95
C14 DXC F . -16.96 -10.57 -26.23
C15 DXC F . -20.92 -10.23 -24.13
C16 DXC F . -20.87 -8.81 -23.46
C17 DXC F . -19.21 -8.54 -23.29
C18 DXC F . -16.96 -12.30 -28.38
C19 DXC F . -18.83 -7.20 -23.12
O1 DXC F . -16.55 -10.00 -23.89
O2 DXC F . -16.97 -17.03 -27.69
C20 DXC F . -19.27 -8.78 -25.95
C21 DXC F . -18.52 -6.29 -24.44
C22 DXC F . -19.80 -5.69 -25.18
C23 DXC F . -19.58 -5.65 -26.72
O3 DXC F . -18.45 -5.33 -27.19
O4 DXC F . -20.54 -5.93 -27.49
C24 DXC F . -19.98 -6.46 -22.28
H1 DXC F . -17.19 -15.57 -27.05
H22 DXC F . -18.60 -14.68 -29.12
H21 DXC F . -19.13 -15.74 -27.83
H3 DXC F . -19.34 -13.16 -27.68
H52 DXC F . -15.27 -13.12 -26.41
H51 DXC F . -16.35 -14.25 -25.60
H62 DXC F . -15.23 -14.38 -28.38
H61 DXC F . -15.06 -15.54 -27.07
H72 DXC F . -20.08 -14.92 -25.95
H71 DXC F . -18.42 -14.94 -25.28
H82 DXC F . -19.05 -13.25 -23.84
H81 DXC F . -20.62 -13.08 -24.68
H9 DXC F . -19.71 -11.61 -26.27
H10 DXC F . -16.94 -12.25 -25.01
H11 DXC F . -19.04 -11.05 -23.44
H13 DXC F . -16.75 -8.56 -25.20
H142 DXC F . -15.88 -10.67 -26.43
H141 DXC F . -17.47 -10.16 -27.11
H152 DXC F . -21.40 -10.94 -23.48
H151 DXC F . -21.46 -10.16 -25.09
H162 DXC F . -21.34 -8.85 -22.47
H161 DXC F . -21.34 -8.05 -24.08
H17 DXC F . -18.87 -9.11 -22.40
H183 DXC F . -15.98 -11.83 -28.32
H182 DXC F . -17.72 -11.57 -28.64
H181 DXC F . -16.93 -13.07 -29.16
H19 DXC F . -17.93 -7.19 -22.53
H1O1 DXC F . -16.72 -9.45 -23.13
H2 DXC F . -17.75 -17.44 -27.98
H203 DXC F . -18.53 -8.22 -26.48
H202 DXC F . -20.14 -8.15 -25.76
H201 DXC F . -19.59 -9.61 -26.59
H212 DXC F . -17.89 -6.82 -25.13
H211 DXC F . -17.96 -5.43 -24.08
H222 DXC F . -19.97 -4.67 -24.82
H221 DXC F . -20.67 -6.31 -24.97
H243 DXC F . -20.24 -7.06 -21.43
H242 DXC F . -19.59 -5.49 -21.95
H241 DXC F . -20.87 -6.29 -22.89
#